data_6ZEG
#
_entry.id   6ZEG
#
_cell.length_a   48.616
_cell.length_b   122.394
_cell.length_c   69.097
_cell.angle_alpha   90.000
_cell.angle_beta   92.219
_cell.angle_gamma   90.000
#
_symmetry.space_group_name_H-M   'P 1 21 1'
#
loop_
_entity.id
_entity.type
_entity.pdbx_description
1 polymer 'Serine/threonine-protein phosphatase PP1-alpha catalytic subunit,Brain-specific angiogenesis inhibitor 1-associated protein 2'
2 polymer 'Phosphatase and actin regulator'
3 non-polymer 'MANGANESE (II) ION'
4 non-polymer 'PHOSPHATE ION'
5 non-polymer 1,2-ETHANEDIOL
6 non-polymer 3,6,9,12,15,18-HEXAOXAICOSANE
7 water water
#
loop_
_entity_poly.entity_id
_entity_poly.type
_entity_poly.pdbx_seq_one_letter_code
_entity_poly.pdbx_strand_id
1 'polypeptide(L)'
;GHMGSLNLDSIIGRLLEVQGSRPGKNVQLTENEIRGLCLKSREIFLSQPILLELEAPLKICGDIHGQYYDLLRLFEYGGF
PPESNYLFLGDYVDRGKQSLETICLLLAYKIKYPENFFLLRGNHECASINRIYGFYDECKRRYNIKLWKTFTDCFNCLPI
AAIVDEKIFCCHGGLSPDLQSMEQIRRIMRPTDVPDQGLLCDLLWSDPDKDVQGWGENDRGVSFTFGAEVVAKFLHKHDL
DLICRAHQVVEDGYEFFAKRQLVTLFSAPNYCGEFDNAGAMMSVDETLMCSFQILKPADKNKGSGSGSGSGSGSGSGSGS
GQQGKSSSTGNLLDKDDL
;
A,B
2 'polypeptide(L)' GPLGSRKILIRFSDYVEVADAQDYDRRADKPWTRLTAADKAAIRKELNEFKSTEMEVHELSRHLTRFHRP C,D
#
loop_
_chem_comp.id
_chem_comp.type
_chem_comp.name
_chem_comp.formula
16P non-polymer 3,6,9,12,15,18-HEXAOXAICOSANE 'C14 H30 O6'
EDO non-polymer 1,2-ETHANEDIOL 'C2 H6 O2'
MN non-polymer 'MANGANESE (II) ION' 'Mn 2'
PO4 non-polymer 'PHOSPHATE ION' 'O4 P -3'
#
# COMPACT_ATOMS: atom_id res chain seq x y z
N SER A 5 31.56 2.65 16.76
CA SER A 5 30.32 1.97 16.42
C SER A 5 29.09 2.87 16.37
N LEU A 6 28.27 2.69 15.35
CA LEU A 6 27.11 3.54 15.21
CA LEU A 6 27.08 3.50 15.16
C LEU A 6 25.92 3.10 16.08
N ASN A 7 25.93 1.89 16.61
CA ASN A 7 24.87 1.40 17.46
C ASN A 7 23.51 1.52 16.78
N LEU A 8 23.47 1.27 15.46
CA LEU A 8 22.32 1.67 14.66
C LEU A 8 21.05 0.89 15.01
N ASP A 9 21.14 -0.44 15.12
CA ASP A 9 19.93 -1.20 15.40
C ASP A 9 19.36 -0.88 16.78
N SER A 10 20.23 -0.62 17.76
CA SER A 10 19.75 -0.24 19.08
C SER A 10 19.04 1.10 19.02
N ILE A 11 19.62 2.06 18.30
CA ILE A 11 19.01 3.39 18.13
C ILE A 11 17.62 3.27 17.53
N ILE A 12 17.49 2.51 16.44
CA ILE A 12 16.20 2.36 15.79
C ILE A 12 15.20 1.73 16.74
N GLY A 13 15.62 0.66 17.45
CA GLY A 13 14.68 0.00 18.36
C GLY A 13 14.17 0.93 19.45
N ARG A 14 15.06 1.78 19.97
CA ARG A 14 14.65 2.72 21.02
CA ARG A 14 14.66 2.71 21.02
C ARG A 14 13.76 3.81 20.46
N LEU A 15 14.03 4.27 19.24
CA LEU A 15 13.15 5.26 18.63
C LEU A 15 11.76 4.68 18.40
N LEU A 16 11.67 3.39 18.02
CA LEU A 16 10.38 2.82 17.66
C LEU A 16 9.59 2.37 18.88
N GLU A 17 10.28 2.09 19.99
CA GLU A 17 9.59 1.47 21.10
C GLU A 17 8.59 2.39 21.78
N VAL A 18 8.71 3.71 21.58
CA VAL A 18 7.80 4.66 22.24
C VAL A 18 6.44 4.72 21.55
N GLN A 19 6.25 3.97 20.47
N GLN A 19 6.29 4.03 20.43
CA GLN A 19 4.97 3.97 19.79
CA GLN A 19 4.98 3.93 19.80
C GLN A 19 3.84 3.49 20.69
C GLN A 19 3.92 3.66 20.86
N GLY A 20 4.13 2.62 21.65
CA GLY A 20 3.17 2.18 22.63
C GLY A 20 3.14 3.00 23.90
N SER A 21 3.76 4.16 23.90
CA SER A 21 3.78 5.04 25.05
C SER A 21 2.87 6.23 24.79
N ARG A 22 2.70 7.04 25.81
CA ARG A 22 1.92 8.25 25.66
C ARG A 22 2.56 9.15 24.61
N PRO A 23 1.77 9.84 23.79
CA PRO A 23 2.34 10.80 22.85
C PRO A 23 3.29 11.75 23.57
N GLY A 24 4.36 12.14 22.88
CA GLY A 24 5.28 13.12 23.40
C GLY A 24 6.43 12.57 24.21
N LYS A 25 6.49 11.26 24.45
CA LYS A 25 7.59 10.69 25.21
C LYS A 25 8.86 10.82 24.40
N ASN A 26 9.90 11.36 25.04
CA ASN A 26 11.19 11.52 24.37
C ASN A 26 11.92 10.17 24.33
N VAL A 27 12.89 10.10 23.41
CA VAL A 27 13.78 8.96 23.28
C VAL A 27 15.16 9.43 23.70
N GLN A 28 15.77 8.69 24.64
CA GLN A 28 17.05 9.07 25.23
C GLN A 28 18.29 8.59 24.45
N LEU A 29 18.64 9.26 23.38
CA LEU A 29 19.86 8.98 22.66
C LEU A 29 21.05 9.74 23.25
N THR A 30 22.24 9.19 23.09
CA THR A 30 23.43 9.91 23.53
C THR A 30 23.84 10.92 22.46
N GLU A 31 24.60 11.92 22.90
CA GLU A 31 25.17 12.89 21.97
C GLU A 31 25.99 12.19 20.90
N ASN A 32 26.82 11.22 21.30
N ASN A 32 26.81 11.22 21.28
CA ASN A 32 27.65 10.48 20.34
CA ASN A 32 27.65 10.55 20.27
C ASN A 32 26.80 9.72 19.35
C ASN A 32 26.82 9.68 19.34
N GLU A 33 25.71 9.11 19.81
CA GLU A 33 24.83 8.38 18.90
C GLU A 33 24.28 9.33 17.83
N ILE A 34 23.81 10.52 18.25
CA ILE A 34 23.23 11.45 17.29
C ILE A 34 24.29 11.96 16.34
N ARG A 35 25.47 12.30 16.86
N ARG A 35 25.48 12.28 16.86
CA ARG A 35 26.56 12.72 15.99
CA ARG A 35 26.55 12.72 15.98
C ARG A 35 26.83 11.66 14.93
C ARG A 35 26.89 11.66 14.94
N GLY A 36 26.86 10.39 15.34
CA GLY A 36 27.13 9.33 14.39
C GLY A 36 26.08 9.25 13.31
N LEU A 37 24.80 9.43 13.67
CA LEU A 37 23.74 9.48 12.66
C LEU A 37 23.99 10.60 11.67
N CYS A 38 24.38 11.78 12.16
CA CYS A 38 24.63 12.91 11.28
C CYS A 38 25.78 12.64 10.35
N LEU A 39 26.88 12.13 10.87
CA LEU A 39 28.09 11.99 10.08
C LEU A 39 27.93 10.90 9.05
N LYS A 40 27.34 9.77 9.43
CA LYS A 40 27.20 8.67 8.48
C LYS A 40 26.16 8.98 7.41
N SER A 41 25.03 9.58 7.81
CA SER A 41 24.04 9.95 6.79
C SER A 41 24.62 10.97 5.83
N ARG A 42 25.39 11.93 6.34
CA ARG A 42 25.99 12.96 5.49
C ARG A 42 26.85 12.30 4.41
N GLU A 43 27.65 11.30 4.81
CA GLU A 43 28.48 10.59 3.86
C GLU A 43 27.63 9.93 2.78
N ILE A 44 26.51 9.32 3.18
CA ILE A 44 25.65 8.67 2.22
C ILE A 44 25.02 9.69 1.28
N PHE A 45 24.53 10.82 1.82
CA PHE A 45 23.95 11.85 0.95
C PHE A 45 24.96 12.29 -0.11
N LEU A 46 26.22 12.51 0.28
CA LEU A 46 27.21 12.97 -0.67
C LEU A 46 27.54 11.91 -1.71
N SER A 47 27.36 10.64 -1.35
CA SER A 47 27.65 9.54 -2.28
C SER A 47 26.55 9.33 -3.30
N GLN A 48 25.40 9.92 -3.12
CA GLN A 48 24.27 9.81 -4.02
C GLN A 48 24.08 11.15 -4.72
N PRO A 49 23.41 11.18 -5.87
CA PRO A 49 23.26 12.43 -6.61
C PRO A 49 22.42 13.46 -5.85
N ILE A 50 22.68 14.73 -6.18
CA ILE A 50 21.88 15.82 -5.62
C ILE A 50 20.50 15.90 -6.24
N LEU A 51 20.36 15.41 -7.47
CA LEU A 51 19.10 15.21 -8.15
C LEU A 51 18.91 13.70 -8.21
N LEU A 52 18.11 13.16 -7.31
CA LEU A 52 17.93 11.72 -7.21
C LEU A 52 17.15 11.21 -8.41
N GLU A 53 17.48 10.02 -8.89
CA GLU A 53 16.72 9.33 -9.95
C GLU A 53 16.17 8.07 -9.29
N LEU A 54 14.88 8.05 -9.00
CA LEU A 54 14.25 7.01 -8.22
C LEU A 54 13.25 6.24 -9.08
N GLU A 55 12.93 5.03 -8.63
CA GLU A 55 11.97 4.18 -9.29
C GLU A 55 10.86 3.81 -8.32
N ALA A 56 9.63 3.75 -8.82
CA ALA A 56 8.54 3.17 -8.06
C ALA A 56 8.78 1.68 -7.87
N PRO A 57 8.21 1.06 -6.84
CA PRO A 57 7.22 1.63 -5.90
C PRO A 57 7.84 2.50 -4.84
N LEU A 58 7.11 3.52 -4.43
CA LEU A 58 7.59 4.49 -3.47
C LEU A 58 6.39 5.12 -2.78
N LYS A 59 6.55 5.49 -1.52
CA LYS A 59 5.62 6.34 -0.78
C LYS A 59 6.27 7.68 -0.54
N ILE A 60 5.58 8.73 -0.92
CA ILE A 60 6.12 10.09 -0.88
C ILE A 60 5.36 10.87 0.22
N CYS A 61 6.12 11.54 1.07
CA CYS A 61 5.59 12.23 2.23
C CYS A 61 6.06 13.67 2.23
N GLY A 62 5.19 14.57 2.70
CA GLY A 62 5.50 15.97 2.88
C GLY A 62 5.85 16.30 4.31
N ASP A 63 5.59 17.55 4.71
CA ASP A 63 6.23 18.10 5.89
C ASP A 63 5.82 17.34 7.14
N ILE A 64 6.78 17.24 8.09
CA ILE A 64 6.58 16.55 9.36
CA ILE A 64 6.54 16.56 9.36
C ILE A 64 6.71 17.51 10.57
N HIS A 65 7.66 18.43 10.52
CA HIS A 65 7.79 19.47 11.55
C HIS A 65 7.77 18.91 12.97
N GLY A 66 8.61 17.91 13.21
CA GLY A 66 8.79 17.46 14.58
C GLY A 66 7.60 16.76 15.19
N GLN A 67 6.61 16.38 14.40
CA GLN A 67 5.43 15.67 14.91
C GLN A 67 5.74 14.17 14.90
N TYR A 68 6.62 13.80 15.82
CA TYR A 68 7.20 12.46 15.82
C TYR A 68 6.14 11.37 15.95
N TYR A 69 5.15 11.55 16.81
N TYR A 69 5.17 11.57 16.84
CA TYR A 69 4.18 10.48 16.97
CA TYR A 69 4.12 10.57 17.04
C TYR A 69 3.29 10.34 15.74
C TYR A 69 3.36 10.34 15.73
N ASP A 70 3.10 11.41 14.98
CA ASP A 70 2.44 11.28 13.70
C ASP A 70 3.33 10.61 12.66
N LEU A 71 4.66 10.84 12.70
CA LEU A 71 5.55 10.10 11.82
C LEU A 71 5.47 8.59 12.08
N LEU A 72 5.44 8.21 13.34
CA LEU A 72 5.30 6.79 13.66
C LEU A 72 3.99 6.22 13.12
N ARG A 73 2.90 6.99 13.24
CA ARG A 73 1.63 6.53 12.71
C ARG A 73 1.66 6.41 11.20
N LEU A 74 2.33 7.34 10.54
N LEU A 74 2.32 7.35 10.53
CA LEU A 74 2.49 7.29 9.10
CA LEU A 74 2.48 7.28 9.07
C LEU A 74 3.23 6.03 8.67
C LEU A 74 3.22 6.00 8.68
N PHE A 75 4.34 5.72 9.34
CA PHE A 75 5.08 4.49 9.04
C PHE A 75 4.24 3.26 9.36
N GLU A 76 3.47 3.30 10.45
CA GLU A 76 2.60 2.16 10.74
C GLU A 76 1.63 1.92 9.60
N TYR A 77 1.06 2.98 9.02
CA TYR A 77 0.11 2.83 7.92
C TYR A 77 0.78 2.37 6.63
N GLY A 78 1.91 2.99 6.28
CA GLY A 78 2.54 2.68 5.02
C GLY A 78 3.38 1.43 5.03
N GLY A 79 3.83 1.01 6.22
CA GLY A 79 4.76 -0.09 6.37
C GLY A 79 6.08 0.45 6.87
N PHE A 80 6.57 -0.03 8.02
CA PHE A 80 7.85 0.46 8.51
C PHE A 80 8.95 0.02 7.56
N PRO A 81 9.92 0.88 7.27
CA PRO A 81 11.04 0.49 6.44
C PRO A 81 11.62 -0.83 6.93
N PRO A 82 12.01 -1.75 6.02
CA PRO A 82 12.06 -1.59 4.56
C PRO A 82 10.84 -2.18 3.87
N GLU A 83 9.72 -2.29 4.58
CA GLU A 83 8.53 -2.89 3.99
C GLU A 83 8.04 -2.09 2.79
N SER A 84 8.15 -0.77 2.87
CA SER A 84 7.90 0.13 1.77
C SER A 84 9.12 1.02 1.61
N ASN A 85 9.27 1.55 0.39
CA ASN A 85 10.30 2.52 0.09
C ASN A 85 9.71 3.91 0.29
N TYR A 86 10.51 4.85 0.79
CA TYR A 86 10.03 6.19 1.11
C TYR A 86 10.89 7.27 0.47
N LEU A 87 10.19 8.36 0.10
CA LEU A 87 10.82 9.63 -0.24
C LEU A 87 10.12 10.70 0.57
N PHE A 88 10.87 11.45 1.37
CA PHE A 88 10.33 12.59 2.10
C PHE A 88 10.81 13.89 1.44
N LEU A 89 9.97 14.92 1.49
CA LEU A 89 10.15 16.15 0.75
C LEU A 89 10.70 17.30 1.59
N GLY A 90 11.13 17.08 2.82
CA GLY A 90 11.76 18.09 3.64
C GLY A 90 10.88 18.58 4.79
N ASP A 91 11.40 19.57 5.50
CA ASP A 91 10.71 20.17 6.64
C ASP A 91 10.45 19.12 7.72
N TYR A 92 11.56 18.53 8.18
CA TYR A 92 11.57 17.52 9.24
C TYR A 92 11.54 18.15 10.61
N VAL A 93 12.19 19.30 10.73
CA VAL A 93 12.42 19.96 11.99
C VAL A 93 11.66 21.27 12.04
N ASP A 94 11.67 21.87 13.22
CA ASP A 94 11.06 23.15 13.56
C ASP A 94 9.55 23.04 13.73
N ARG A 95 8.99 23.96 14.52
CA ARG A 95 7.53 24.19 14.59
C ARG A 95 6.78 22.95 15.03
N GLY A 96 7.40 22.15 15.89
CA GLY A 96 6.81 20.98 16.51
C GLY A 96 7.58 20.57 17.74
N LYS A 97 7.03 19.58 18.42
CA LYS A 97 7.50 19.26 19.75
C LYS A 97 8.75 18.40 19.76
N GLN A 98 8.95 17.54 18.78
CA GLN A 98 10.00 16.52 18.83
C GLN A 98 10.76 16.45 17.51
N SER A 99 11.39 17.57 17.16
CA SER A 99 12.25 17.56 15.99
C SER A 99 13.39 16.55 16.09
N LEU A 100 13.97 16.39 17.28
CA LEU A 100 15.14 15.51 17.41
C LEU A 100 14.78 14.06 17.12
N GLU A 101 13.71 13.55 17.73
CA GLU A 101 13.32 12.17 17.47
C GLU A 101 12.99 11.97 16.01
N THR A 102 12.31 12.97 15.42
CA THR A 102 11.91 12.89 14.02
C THR A 102 13.13 12.75 13.12
N ILE A 103 14.06 13.70 13.22
CA ILE A 103 15.19 13.67 12.31
C ILE A 103 16.08 12.47 12.61
N CYS A 104 16.22 12.08 13.87
CA CYS A 104 17.07 10.92 14.19
C CYS A 104 16.51 9.64 13.56
N LEU A 105 15.21 9.44 13.63
CA LEU A 105 14.65 8.23 13.00
C LEU A 105 14.84 8.26 11.49
N LEU A 106 14.62 9.41 10.87
CA LEU A 106 14.78 9.52 9.44
C LEU A 106 16.24 9.27 9.02
N LEU A 107 17.19 9.87 9.74
CA LEU A 107 18.60 9.63 9.40
C LEU A 107 18.99 8.18 9.65
N ALA A 108 18.50 7.58 10.73
CA ALA A 108 18.80 6.18 11.01
C ALA A 108 18.31 5.30 9.89
N TYR A 109 17.08 5.54 9.40
CA TYR A 109 16.57 4.75 8.29
C TYR A 109 17.34 4.99 7.00
N LYS A 110 17.82 6.22 6.78
CA LYS A 110 18.63 6.45 5.59
C LYS A 110 19.91 5.61 5.65
N ILE A 111 20.52 5.54 6.84
CA ILE A 111 21.74 4.75 6.97
C ILE A 111 21.45 3.26 6.83
N LYS A 112 20.36 2.81 7.42
CA LYS A 112 20.05 1.38 7.42
C LYS A 112 19.62 0.89 6.05
N TYR A 113 18.87 1.71 5.31
CA TYR A 113 18.25 1.32 4.04
C TYR A 113 18.58 2.35 2.98
N PRO A 114 19.87 2.53 2.66
CA PRO A 114 20.29 3.70 1.87
C PRO A 114 19.77 3.70 0.44
N GLU A 115 19.40 2.55 -0.11
CA GLU A 115 18.88 2.46 -1.47
C GLU A 115 17.37 2.39 -1.50
N ASN A 116 16.71 2.46 -0.33
CA ASN A 116 15.26 2.28 -0.23
C ASN A 116 14.58 3.40 0.55
N PHE A 117 15.32 4.44 0.89
CA PHE A 117 14.83 5.46 1.81
C PHE A 117 15.55 6.74 1.46
N PHE A 118 14.77 7.80 1.19
CA PHE A 118 15.33 9.02 0.64
C PHE A 118 14.71 10.22 1.32
N LEU A 119 15.55 11.24 1.53
CA LEU A 119 15.20 12.50 2.18
C LEU A 119 15.65 13.66 1.31
N LEU A 120 14.73 14.56 0.94
CA LEU A 120 15.09 15.82 0.30
C LEU A 120 15.23 16.93 1.33
N ARG A 121 15.87 18.01 0.91
CA ARG A 121 16.02 19.19 1.74
C ARG A 121 14.79 20.09 1.65
N GLY A 122 14.25 20.48 2.80
CA GLY A 122 13.28 21.54 2.85
C GLY A 122 13.91 22.84 3.28
N ASN A 123 13.12 23.93 3.24
CA ASN A 123 13.64 25.21 3.65
C ASN A 123 13.95 25.29 5.14
N HIS A 124 13.38 24.38 5.95
CA HIS A 124 13.76 24.33 7.36
C HIS A 124 15.05 23.58 7.63
N GLU A 125 15.61 22.89 6.63
CA GLU A 125 16.89 22.22 6.78
C GLU A 125 18.03 23.18 6.39
N CYS A 126 18.02 24.35 7.03
CA CYS A 126 19.09 25.30 6.86
CA CYS A 126 18.96 25.44 6.77
C CYS A 126 19.18 26.17 8.10
N ALA A 127 20.40 26.63 8.34
CA ALA A 127 20.74 27.23 9.61
C ALA A 127 19.95 28.48 9.91
N SER A 128 19.76 29.36 8.92
CA SER A 128 19.09 30.62 9.27
C SER A 128 17.65 30.42 9.68
N ILE A 129 16.99 29.40 9.13
CA ILE A 129 15.59 29.14 9.44
C ILE A 129 15.46 28.35 10.72
N ASN A 130 16.18 27.24 10.85
CA ASN A 130 16.01 26.41 12.04
C ASN A 130 16.77 26.93 13.25
N ARG A 131 17.55 27.99 13.08
CA ARG A 131 18.05 28.72 14.23
C ARG A 131 16.91 29.32 15.03
N ILE A 132 15.86 29.80 14.35
CA ILE A 132 14.82 30.56 15.03
C ILE A 132 13.49 29.83 15.14
N TYR A 133 13.19 28.87 14.26
CA TYR A 133 11.88 28.23 14.26
C TYR A 133 11.79 26.99 15.14
N GLY A 134 12.79 26.77 16.02
CA GLY A 134 12.66 25.85 17.11
C GLY A 134 13.77 24.85 17.27
N PHE A 135 14.41 24.44 16.17
CA PHE A 135 15.32 23.30 16.25
C PHE A 135 16.57 23.63 17.06
N TYR A 136 17.19 24.80 16.86
CA TYR A 136 18.33 25.17 17.67
C TYR A 136 17.99 25.12 19.14
N ASP A 137 16.82 25.66 19.51
CA ASP A 137 16.45 25.67 20.93
C ASP A 137 16.24 24.26 21.45
N GLU A 138 15.64 23.39 20.65
CA GLU A 138 15.44 22.01 21.10
C GLU A 138 16.79 21.31 21.29
N CYS A 139 17.72 21.52 20.36
CA CYS A 139 19.07 20.96 20.49
CA CYS A 139 19.05 20.93 20.50
C CYS A 139 19.74 21.45 21.74
N LYS A 140 19.64 22.76 22.00
CA LYS A 140 20.31 23.34 23.15
C LYS A 140 19.73 22.78 24.43
N ARG A 141 18.41 22.64 24.49
CA ARG A 141 17.79 22.13 25.72
C ARG A 141 18.25 20.74 26.05
N ARG A 142 18.30 19.87 25.03
CA ARG A 142 18.58 18.47 25.29
C ARG A 142 20.04 18.11 25.23
N TYR A 143 20.81 18.81 24.40
CA TYR A 143 22.22 18.52 24.16
C TYR A 143 23.01 19.82 24.24
N ASN A 144 23.48 20.34 23.10
CA ASN A 144 24.26 21.57 23.09
C ASN A 144 24.21 22.16 21.68
N ILE A 145 24.71 23.39 21.56
CA ILE A 145 24.72 24.08 20.28
C ILE A 145 25.65 23.40 19.29
N LYS A 146 26.74 22.78 19.77
CA LYS A 146 27.61 22.06 18.85
C LYS A 146 26.85 20.98 18.10
N LEU A 147 25.90 20.33 18.76
CA LEU A 147 25.13 19.30 18.07
C LEU A 147 24.29 19.91 16.95
N TRP A 148 23.69 21.09 17.19
CA TRP A 148 22.98 21.81 16.14
C TRP A 148 23.90 22.11 14.96
N LYS A 149 25.15 22.50 15.23
CA LYS A 149 26.10 22.74 14.15
C LYS A 149 26.39 21.47 13.37
N THR A 150 26.46 20.32 14.06
CA THR A 150 26.64 19.05 13.39
C THR A 150 25.43 18.71 12.52
N PHE A 151 24.21 18.93 13.00
CA PHE A 151 23.06 18.73 12.16
C PHE A 151 23.13 19.63 10.92
N THR A 152 23.58 20.87 11.09
CA THR A 152 23.66 21.80 9.97
C THR A 152 24.56 21.24 8.87
N ASP A 153 25.71 20.67 9.26
CA ASP A 153 26.60 20.07 8.28
CA ASP A 153 26.60 20.07 8.28
C ASP A 153 25.92 18.95 7.51
N CYS A 154 25.12 18.14 8.18
CA CYS A 154 24.38 17.08 7.55
C CYS A 154 23.32 17.63 6.59
N PHE A 155 22.52 18.58 7.07
CA PHE A 155 21.48 19.21 6.25
C PHE A 155 22.05 19.87 5.00
N ASN A 156 23.24 20.47 5.12
CA ASN A 156 23.88 21.13 4.00
C ASN A 156 24.25 20.15 2.89
N CYS A 157 24.16 18.85 3.16
CA CYS A 157 24.46 17.83 2.16
C CYS A 157 23.22 17.07 1.67
N LEU A 158 22.01 17.44 2.09
CA LEU A 158 20.85 16.74 1.59
C LEU A 158 20.67 16.98 0.09
N PRO A 159 20.14 16.01 -0.63
CA PRO A 159 19.74 16.25 -2.01
C PRO A 159 18.56 17.19 -2.08
N ILE A 160 18.38 17.80 -3.25
CA ILE A 160 17.47 18.93 -3.43
C ILE A 160 16.22 18.57 -4.22
N ALA A 161 16.27 17.57 -5.09
CA ALA A 161 15.15 17.20 -5.92
C ALA A 161 15.27 15.74 -6.28
N ALA A 162 14.17 15.18 -6.76
CA ALA A 162 14.16 13.80 -7.24
C ALA A 162 13.25 13.71 -8.45
N ILE A 163 13.56 12.80 -9.34
CA ILE A 163 12.66 12.45 -10.42
C ILE A 163 12.34 10.96 -10.29
N VAL A 164 11.05 10.63 -10.22
CA VAL A 164 10.58 9.27 -10.07
C VAL A 164 10.12 8.74 -11.43
N ASP A 165 10.78 7.68 -11.89
CA ASP A 165 10.44 7.00 -13.13
C ASP A 165 10.39 7.94 -14.33
N GLU A 166 11.27 8.93 -14.34
CA GLU A 166 11.37 9.92 -15.43
C GLU A 166 10.10 10.73 -15.61
N LYS A 167 9.19 10.74 -14.63
CA LYS A 167 7.87 11.36 -14.84
C LYS A 167 7.38 12.22 -13.69
N ILE A 168 7.85 12.06 -12.46
CA ILE A 168 7.39 12.88 -11.35
C ILE A 168 8.58 13.65 -10.80
N PHE A 169 8.54 14.99 -10.93
CA PHE A 169 9.58 15.86 -10.40
C PHE A 169 9.19 16.28 -9.00
N CYS A 170 10.06 16.00 -8.02
CA CYS A 170 9.78 16.24 -6.61
C CYS A 170 10.79 17.22 -6.02
N CYS A 171 10.26 18.15 -5.24
CA CYS A 171 11.08 19.08 -4.50
C CYS A 171 10.21 19.65 -3.38
N HIS A 172 10.83 20.35 -2.44
CA HIS A 172 10.04 20.84 -1.32
C HIS A 172 9.10 21.97 -1.72
N GLY A 173 9.65 23.00 -2.35
CA GLY A 173 8.95 24.22 -2.65
C GLY A 173 8.35 24.19 -4.03
N GLY A 174 9.12 24.51 -5.05
CA GLY A 174 8.55 24.49 -6.35
C GLY A 174 9.50 24.91 -7.44
N LEU A 175 8.94 25.43 -8.52
CA LEU A 175 9.71 25.80 -9.68
C LEU A 175 10.42 27.13 -9.48
N SER A 176 11.33 27.43 -10.38
CA SER A 176 12.17 28.62 -10.35
C SER A 176 12.23 29.24 -11.74
N PRO A 177 12.24 30.57 -11.85
CA PRO A 177 12.51 31.17 -13.16
C PRO A 177 13.94 30.90 -13.64
N ASP A 178 14.81 30.43 -12.75
CA ASP A 178 16.18 30.10 -13.11
C ASP A 178 16.37 28.63 -13.43
N LEU A 179 15.30 27.84 -13.52
CA LEU A 179 15.42 26.40 -13.80
C LEU A 179 15.06 26.18 -15.27
N GLN A 180 16.09 26.14 -16.11
CA GLN A 180 15.94 25.84 -17.52
CA GLN A 180 15.94 25.84 -17.53
C GLN A 180 16.34 24.41 -17.87
N SER A 181 17.27 23.82 -17.14
CA SER A 181 17.75 22.48 -17.44
CA SER A 181 17.71 22.46 -17.43
C SER A 181 18.02 21.75 -16.13
N MET A 182 17.75 20.44 -16.12
CA MET A 182 18.05 19.65 -14.93
C MET A 182 19.53 19.70 -14.60
N GLU A 183 20.38 19.94 -15.59
CA GLU A 183 21.81 20.03 -15.31
C GLU A 183 22.13 21.14 -14.32
N GLN A 184 21.32 22.20 -14.29
CA GLN A 184 21.56 23.25 -13.32
C GLN A 184 21.42 22.76 -11.90
N ILE A 185 20.51 21.83 -11.65
CA ILE A 185 20.42 21.22 -10.33
C ILE A 185 21.63 20.33 -10.07
N ARG A 186 21.98 19.51 -11.06
CA ARG A 186 23.09 18.57 -10.90
C ARG A 186 24.40 19.27 -10.62
N ARG A 187 24.57 20.51 -11.08
CA ARG A 187 25.82 21.23 -10.90
C ARG A 187 25.96 21.85 -9.53
N ILE A 188 24.91 21.87 -8.71
CA ILE A 188 25.02 22.43 -7.38
C ILE A 188 25.89 21.54 -6.52
N MET A 189 26.89 22.12 -5.87
CA MET A 189 27.86 21.38 -5.09
C MET A 189 27.61 21.50 -3.60
N ARG A 190 27.77 20.39 -2.89
CA ARG A 190 27.55 20.30 -1.46
C ARG A 190 28.85 20.06 -0.72
N PRO A 191 28.95 20.49 0.55
CA PRO A 191 27.91 21.16 1.33
C PRO A 191 27.63 22.57 0.84
N THR A 192 26.37 22.98 0.98
CA THR A 192 25.95 24.31 0.64
C THR A 192 24.88 24.78 1.59
N ASP A 193 24.84 26.10 1.80
CA ASP A 193 23.70 26.76 2.43
C ASP A 193 22.59 26.95 1.40
N VAL A 194 21.43 27.41 1.88
CA VAL A 194 20.32 27.82 1.03
C VAL A 194 20.37 29.35 0.92
N PRO A 195 20.46 29.89 -0.27
CA PRO A 195 20.60 31.35 -0.43
C PRO A 195 19.25 32.04 -0.23
N ASP A 196 19.31 33.37 -0.15
CA ASP A 196 18.08 34.16 -0.02
C ASP A 196 17.41 34.41 -1.36
N GLN A 197 18.03 34.00 -2.46
CA GLN A 197 17.44 34.12 -3.78
C GLN A 197 18.20 33.20 -4.72
N GLY A 198 17.56 32.87 -5.84
CA GLY A 198 18.16 32.05 -6.87
C GLY A 198 17.52 30.66 -6.92
N LEU A 199 18.06 29.86 -7.83
CA LEU A 199 17.52 28.53 -8.11
C LEU A 199 17.30 27.71 -6.83
N LEU A 200 18.34 27.57 -6.01
CA LEU A 200 18.23 26.70 -4.84
C LEU A 200 17.22 27.24 -3.85
N CYS A 201 17.16 28.57 -3.70
CA CYS A 201 16.11 29.17 -2.88
C CYS A 201 14.74 28.77 -3.38
N ASP A 202 14.51 28.98 -4.68
CA ASP A 202 13.18 28.76 -5.23
C ASP A 202 12.74 27.30 -5.12
N LEU A 203 13.66 26.36 -5.34
CA LEU A 203 13.31 24.94 -5.22
C LEU A 203 12.78 24.62 -3.84
N LEU A 204 13.24 25.34 -2.82
CA LEU A 204 12.86 25.09 -1.43
C LEU A 204 11.78 26.04 -0.91
N TRP A 205 11.42 27.08 -1.66
CA TRP A 205 10.58 28.14 -1.14
C TRP A 205 9.37 28.53 -1.98
N SER A 206 9.36 28.27 -3.28
CA SER A 206 8.29 28.82 -4.12
C SER A 206 6.96 28.08 -3.92
N ASP A 207 5.87 28.75 -4.32
CA ASP A 207 4.53 28.21 -4.20
C ASP A 207 3.72 28.40 -5.49
N PRO A 208 2.81 27.49 -5.79
CA PRO A 208 1.86 27.70 -6.89
C PRO A 208 0.78 28.71 -6.48
N ASP A 209 0.22 29.43 -7.48
CA ASP A 209 -0.90 30.35 -7.24
C ASP A 209 -1.75 30.41 -8.50
N LYS A 210 -3.02 30.04 -8.35
CA LYS A 210 -3.90 29.97 -9.51
C LYS A 210 -4.16 31.32 -10.15
N ASP A 211 -3.96 32.41 -9.43
CA ASP A 211 -4.27 33.74 -9.94
C ASP A 211 -3.04 34.46 -10.45
N VAL A 212 -1.94 33.78 -10.58
CA VAL A 212 -0.73 34.38 -11.12
C VAL A 212 -0.54 33.88 -12.53
N GLN A 213 -0.27 34.81 -13.42
CA GLN A 213 0.14 34.53 -14.78
C GLN A 213 1.65 34.67 -14.81
N GLY A 214 2.32 33.55 -14.99
CA GLY A 214 3.77 33.55 -15.01
C GLY A 214 4.31 33.44 -13.62
N TRP A 215 5.21 34.36 -13.29
CA TRP A 215 5.88 34.41 -12.00
C TRP A 215 5.37 35.62 -11.24
N GLY A 216 5.16 35.48 -9.96
CA GLY A 216 4.64 36.54 -9.13
C GLY A 216 5.42 36.66 -7.84
N GLU A 217 5.05 37.68 -7.08
CA GLU A 217 5.57 37.88 -5.75
CA GLU A 217 5.62 37.84 -5.76
C GLU A 217 5.01 36.82 -4.81
N ASN A 218 5.76 36.50 -3.78
CA ASN A 218 5.34 35.50 -2.80
C ASN A 218 5.08 36.21 -1.48
N ASP A 219 3.92 35.91 -0.88
CA ASP A 219 3.51 36.46 0.39
C ASP A 219 4.54 36.21 1.49
N ARG A 220 5.41 35.20 1.31
CA ARG A 220 6.44 34.95 2.31
C ARG A 220 7.53 36.00 2.32
N GLY A 221 7.61 36.83 1.28
CA GLY A 221 8.71 37.78 1.19
C GLY A 221 10.02 37.18 0.73
N VAL A 222 9.99 35.98 0.15
CA VAL A 222 11.15 35.32 -0.42
C VAL A 222 10.61 34.54 -1.62
N SER A 223 11.46 34.39 -2.64
CA SER A 223 11.13 33.58 -3.80
C SER A 223 9.90 34.11 -4.53
N PHE A 224 9.14 33.23 -5.16
CA PHE A 224 8.13 33.55 -6.15
C PHE A 224 6.90 32.68 -5.97
N THR A 225 5.82 33.11 -6.58
CA THR A 225 4.73 32.24 -6.94
C THR A 225 4.77 31.96 -8.44
N PHE A 226 4.14 30.88 -8.84
CA PHE A 226 4.07 30.50 -10.23
C PHE A 226 2.68 30.00 -10.57
N GLY A 227 2.26 30.24 -11.81
CA GLY A 227 0.94 29.88 -12.25
C GLY A 227 0.88 28.54 -12.96
N ALA A 228 -0.35 28.20 -13.33
CA ALA A 228 -0.62 26.90 -13.95
C ALA A 228 0.07 26.75 -15.30
N GLU A 229 0.15 27.82 -16.07
CA GLU A 229 0.81 27.72 -17.37
C GLU A 229 2.30 27.46 -17.23
N VAL A 230 2.94 28.00 -16.20
CA VAL A 230 4.34 27.70 -15.94
C VAL A 230 4.52 26.21 -15.70
N VAL A 231 3.61 25.61 -14.93
CA VAL A 231 3.66 24.17 -14.68
C VAL A 231 3.52 23.41 -15.98
N ALA A 232 2.51 23.76 -16.78
CA ALA A 232 2.27 23.02 -18.00
C ALA A 232 3.47 23.10 -18.94
N LYS A 233 4.07 24.28 -19.06
CA LYS A 233 5.20 24.40 -19.97
C LYS A 233 6.41 23.63 -19.46
N PHE A 234 6.60 23.61 -18.14
CA PHE A 234 7.73 22.89 -17.58
C PHE A 234 7.59 21.40 -17.83
N LEU A 235 6.39 20.86 -17.57
CA LEU A 235 6.16 19.43 -17.79
C LEU A 235 6.36 19.08 -19.25
N HIS A 236 5.90 19.95 -20.16
CA HIS A 236 6.03 19.65 -21.56
C HIS A 236 7.50 19.65 -21.99
N LYS A 237 8.24 20.67 -21.55
CA LYS A 237 9.64 20.81 -21.94
C LYS A 237 10.47 19.61 -21.50
N HIS A 238 10.24 19.13 -20.29
CA HIS A 238 11.04 18.07 -19.67
C HIS A 238 10.40 16.70 -19.80
N ASP A 239 9.29 16.59 -20.51
CA ASP A 239 8.58 15.33 -20.71
C ASP A 239 8.25 14.64 -19.38
N LEU A 240 7.74 15.44 -18.45
CA LEU A 240 7.28 14.99 -17.14
C LEU A 240 5.76 15.01 -17.07
N ASP A 241 5.22 14.28 -16.10
CA ASP A 241 3.77 14.22 -15.92
C ASP A 241 3.26 14.95 -14.69
N LEU A 242 4.08 15.14 -13.66
CA LEU A 242 3.60 15.67 -12.39
C LEU A 242 4.75 16.35 -11.68
N ILE A 243 4.45 17.48 -11.03
CA ILE A 243 5.28 18.07 -9.99
CA ILE A 243 5.29 18.04 -9.99
C ILE A 243 4.68 17.66 -8.66
N CYS A 244 5.51 17.09 -7.79
CA CYS A 244 5.11 16.70 -6.43
C CYS A 244 5.94 17.49 -5.45
N ARG A 245 5.27 18.30 -4.62
CA ARG A 245 5.95 19.23 -3.72
C ARG A 245 5.19 19.27 -2.40
N ALA A 246 5.67 20.07 -1.47
CA ALA A 246 5.14 20.08 -0.11
C ALA A 246 4.96 21.54 0.33
N HIS A 247 5.39 21.92 1.53
CA HIS A 247 5.66 23.31 1.88
C HIS A 247 4.42 24.15 2.18
N GLN A 248 3.20 23.65 1.98
CA GLN A 248 1.98 24.37 2.34
C GLN A 248 1.00 23.41 3.00
N VAL A 249 0.40 23.88 4.09
CA VAL A 249 -0.66 23.13 4.73
C VAL A 249 -1.86 23.08 3.79
N VAL A 250 -2.40 21.88 3.61
CA VAL A 250 -3.56 21.67 2.76
C VAL A 250 -4.53 20.77 3.53
N GLU A 251 -5.83 21.05 3.39
CA GLU A 251 -6.83 20.48 4.29
C GLU A 251 -6.86 18.96 4.30
N ASP A 252 -6.74 18.33 3.12
CA ASP A 252 -6.80 16.87 3.04
C ASP A 252 -5.45 16.21 3.17
N GLY A 253 -4.40 16.98 3.38
CA GLY A 253 -3.06 16.45 3.35
C GLY A 253 -2.47 16.35 1.96
N TYR A 254 -3.31 16.38 0.93
CA TYR A 254 -2.85 16.48 -0.44
C TYR A 254 -3.80 17.43 -1.15
N GLU A 255 -3.30 18.12 -2.17
CA GLU A 255 -4.13 19.05 -2.93
C GLU A 255 -3.54 19.23 -4.31
N PHE A 256 -4.37 19.12 -5.32
CA PHE A 256 -3.95 19.29 -6.70
C PHE A 256 -3.98 20.75 -7.14
N PHE A 257 -3.19 21.03 -8.17
CA PHE A 257 -3.08 22.32 -8.81
C PHE A 257 -2.93 22.10 -10.31
N ALA A 258 -3.47 23.02 -11.11
CA ALA A 258 -3.23 22.99 -12.55
C ALA A 258 -3.73 21.70 -13.19
N LYS A 259 -4.99 21.39 -12.95
CA LYS A 259 -5.60 20.18 -13.51
C LYS A 259 -4.73 18.94 -13.27
N ARG A 260 -4.34 18.76 -12.02
CA ARG A 260 -3.60 17.62 -11.48
C ARG A 260 -2.20 17.51 -12.04
N GLN A 261 -1.67 18.59 -12.64
CA GLN A 261 -0.29 18.61 -13.07
C GLN A 261 0.68 18.87 -11.92
N LEU A 262 0.19 19.32 -10.78
CA LEU A 262 1.00 19.48 -9.57
C LEU A 262 0.18 18.99 -8.40
N VAL A 263 0.86 18.39 -7.42
CA VAL A 263 0.24 18.04 -6.16
C VAL A 263 1.11 18.56 -5.03
N THR A 264 0.46 19.06 -3.97
CA THR A 264 1.08 19.42 -2.71
C THR A 264 0.76 18.35 -1.68
N LEU A 265 1.79 17.85 -1.00
CA LEU A 265 1.65 16.89 0.08
C LEU A 265 2.07 17.53 1.39
N PHE A 266 1.34 17.23 2.47
CA PHE A 266 1.64 17.78 3.77
C PHE A 266 1.32 16.66 4.76
N SER A 267 2.30 16.23 5.58
CA SER A 267 2.15 14.98 6.29
C SER A 267 1.97 15.14 7.79
N ALA A 268 1.85 16.34 8.33
CA ALA A 268 1.69 16.62 9.74
C ALA A 268 0.23 16.94 10.05
N PRO A 269 -0.57 15.98 10.51
CA PRO A 269 -1.99 16.29 10.80
C PRO A 269 -2.11 17.29 11.91
N ASN A 270 -3.22 18.04 11.90
CA ASN A 270 -3.54 18.97 12.99
C ASN A 270 -2.32 19.83 13.28
N TYR A 271 -1.76 20.43 12.23
CA TYR A 271 -0.43 21.02 12.28
C TYR A 271 -0.29 21.96 13.47
N CYS A 272 0.73 21.72 14.29
N CYS A 272 0.75 21.66 14.26
CA CYS A 272 1.07 22.58 15.43
CA CYS A 272 1.14 22.32 15.51
C CYS A 272 -0.02 22.62 16.50
C CYS A 272 -0.05 22.67 16.40
N GLY A 273 -1.07 21.82 16.37
CA GLY A 273 -2.21 21.96 17.25
C GLY A 273 -3.02 23.20 17.00
N GLU A 274 -2.83 23.85 15.84
CA GLU A 274 -3.49 25.09 15.50
C GLU A 274 -4.30 25.02 14.22
N PHE A 275 -4.11 24.01 13.39
CA PHE A 275 -4.79 23.87 12.11
C PHE A 275 -5.52 22.54 12.13
N ASP A 276 -6.58 22.43 11.35
CA ASP A 276 -7.42 21.24 11.37
C ASP A 276 -7.25 20.38 10.11
N ASN A 277 -6.05 20.33 9.60
CA ASN A 277 -5.75 19.59 8.39
C ASN A 277 -5.46 18.11 8.67
N ALA A 278 -5.61 17.30 7.63
CA ALA A 278 -5.10 15.94 7.64
C ALA A 278 -3.65 15.92 7.14
N GLY A 279 -2.97 14.81 7.38
CA GLY A 279 -1.65 14.56 6.80
C GLY A 279 -1.76 13.43 5.81
N ALA A 280 -1.11 13.53 4.67
CA ALA A 280 -1.20 12.51 3.64
C ALA A 280 0.15 12.04 3.16
N MET A 281 0.14 10.87 2.54
N MET A 281 0.10 10.87 2.55
CA MET A 281 1.27 10.38 1.76
CA MET A 281 1.17 10.25 1.78
C MET A 281 0.71 9.87 0.45
C MET A 281 0.64 9.95 0.39
N MET A 282 1.53 9.96 -0.61
CA MET A 282 1.17 9.52 -1.95
C MET A 282 1.97 8.26 -2.28
N SER A 283 1.27 7.18 -2.56
CA SER A 283 1.89 5.94 -2.98
CA SER A 283 1.88 5.93 -2.96
C SER A 283 1.93 5.86 -4.49
N VAL A 284 3.09 5.53 -5.05
CA VAL A 284 3.27 5.37 -6.48
C VAL A 284 3.59 3.89 -6.73
N ASP A 285 2.74 3.22 -7.49
CA ASP A 285 3.02 1.82 -7.77
C ASP A 285 3.84 1.68 -9.06
N GLU A 286 4.26 0.44 -9.36
CA GLU A 286 5.14 0.22 -10.50
C GLU A 286 4.46 0.50 -11.83
N THR A 287 3.14 0.60 -11.87
CA THR A 287 2.43 1.00 -13.07
C THR A 287 2.24 2.52 -13.15
N LEU A 288 2.80 3.27 -12.20
CA LEU A 288 2.69 4.73 -12.13
CA LEU A 288 2.70 4.73 -12.12
C LEU A 288 1.28 5.19 -11.77
N MET A 289 0.52 4.33 -11.11
CA MET A 289 -0.72 4.73 -10.47
CA MET A 289 -0.72 4.74 -10.47
C MET A 289 -0.38 5.34 -9.11
N CYS A 290 -0.86 6.54 -8.89
CA CYS A 290 -0.63 7.30 -7.67
C CYS A 290 -1.90 7.31 -6.84
N SER A 291 -1.79 7.01 -5.56
CA SER A 291 -2.93 6.97 -4.67
C SER A 291 -2.57 7.64 -3.35
N PHE A 292 -3.61 8.00 -2.58
CA PHE A 292 -3.41 8.76 -1.37
C PHE A 292 -3.89 8.02 -0.13
N GLN A 293 -3.11 8.15 0.93
CA GLN A 293 -3.41 7.58 2.25
CA GLN A 293 -3.44 7.59 2.24
C GLN A 293 -3.30 8.71 3.25
N ILE A 294 -4.38 8.98 3.98
CA ILE A 294 -4.50 10.15 4.82
C ILE A 294 -4.71 9.77 6.27
N LEU A 295 -4.09 10.53 7.16
CA LEU A 295 -4.31 10.45 8.59
C LEU A 295 -5.04 11.72 8.98
N LYS A 296 -6.30 11.56 9.38
CA LYS A 296 -7.19 12.68 9.55
C LYS A 296 -7.63 12.80 11.00
N PRO A 297 -7.52 13.97 11.61
CA PRO A 297 -8.00 14.13 12.99
C PRO A 297 -9.52 14.08 13.07
N ALA A 298 -10.00 13.86 14.29
CA ALA A 298 -11.44 13.82 14.57
C ALA A 298 -12.11 15.13 14.19
N GLY A 319 -10.95 40.73 12.32
CA GLY A 319 -10.05 41.66 11.67
C GLY A 319 -8.58 41.27 11.81
N SER A 320 -7.81 42.13 12.46
CA SER A 320 -6.39 41.87 12.68
C SER A 320 -6.18 40.79 13.75
N GLY A 321 -7.23 40.33 14.41
CA GLY A 321 -7.15 39.24 15.35
C GLY A 321 -7.32 37.86 14.73
N GLN A 322 -7.41 37.78 13.40
CA GLN A 322 -7.59 36.50 12.73
C GLN A 322 -6.41 35.58 12.98
N GLN A 323 -6.65 34.27 12.85
CA GLN A 323 -5.60 33.29 13.09
C GLN A 323 -4.40 33.60 12.20
N GLY A 324 -3.22 33.35 12.73
CA GLY A 324 -2.00 33.57 11.98
C GLY A 324 -1.89 32.61 10.80
N LYS A 325 -0.95 32.93 9.94
CA LYS A 325 -0.63 32.04 8.83
C LYS A 325 0.07 30.79 9.35
N SER A 326 -0.02 29.72 8.58
CA SER A 326 0.76 28.54 8.83
C SER A 326 2.12 28.55 8.13
N SER A 327 2.35 29.48 7.22
CA SER A 327 3.58 29.52 6.46
C SER A 327 4.71 30.16 7.26
N SER A 328 5.93 29.74 6.93
CA SER A 328 7.13 30.36 7.44
C SER A 328 7.68 31.38 6.45
N THR A 329 8.51 32.27 6.98
CA THR A 329 9.18 33.27 6.17
CA THR A 329 9.16 33.33 6.23
C THR A 329 10.67 33.27 6.48
N GLY A 330 11.43 33.96 5.62
CA GLY A 330 12.87 34.06 5.77
C GLY A 330 13.37 35.38 6.30
N ASN A 331 12.48 36.28 6.68
CA ASN A 331 12.88 37.64 7.03
CA ASN A 331 12.88 37.64 7.03
C ASN A 331 12.63 37.98 8.50
N LEU A 332 12.41 37.00 9.35
CA LEU A 332 12.09 37.34 10.73
C LEU A 332 13.24 37.99 11.47
N LEU A 333 14.49 37.75 11.06
CA LEU A 333 15.60 38.40 11.73
C LEU A 333 15.90 39.81 11.24
N ASP A 334 15.27 40.26 10.15
CA ASP A 334 15.58 41.59 9.62
C ASP A 334 15.45 42.69 10.67
N LYS A 335 16.41 43.62 10.68
CA LYS A 335 16.37 44.76 11.59
C LYS A 335 15.20 45.66 11.24
N SER B 5 -0.89 15.56 -29.32
CA SER B 5 -0.77 15.83 -27.89
C SER B 5 0.12 14.81 -27.19
N ARG B 6 0.71 15.20 -26.06
CA ARG B 6 1.74 14.40 -25.40
C ARG B 6 1.11 13.29 -24.59
N LYS B 7 1.73 12.10 -24.67
CA LYS B 7 1.24 10.90 -24.00
C LYS B 7 1.59 10.98 -22.52
N ILE B 8 0.58 10.87 -21.66
CA ILE B 8 0.75 10.94 -20.21
C ILE B 8 0.70 9.51 -19.66
N LEU B 9 1.69 9.16 -18.84
CA LEU B 9 1.74 7.83 -18.23
C LEU B 9 1.05 7.77 -16.88
N ILE B 10 1.23 8.81 -16.07
CA ILE B 10 0.74 8.80 -14.70
C ILE B 10 -0.78 8.60 -14.68
N ARG B 11 -1.26 7.95 -13.63
CA ARG B 11 -2.68 7.91 -13.34
C ARG B 11 -2.88 8.17 -11.86
N PHE B 12 -4.07 8.64 -11.49
CA PHE B 12 -4.42 8.88 -10.08
C PHE B 12 -5.62 8.04 -9.73
N SER B 13 -5.56 7.42 -8.57
CA SER B 13 -6.70 6.69 -8.04
C SER B 13 -7.66 7.66 -7.38
N ASP B 14 -8.95 7.48 -7.65
CA ASP B 14 -10.02 8.19 -6.99
C ASP B 14 -10.34 7.65 -5.61
N TYR B 15 -9.79 6.51 -5.20
N TYR B 15 -9.79 6.49 -5.24
CA TYR B 15 -10.17 5.86 -3.94
CA TYR B 15 -10.12 5.82 -3.98
C TYR B 15 -9.09 6.13 -2.89
C TYR B 15 -9.03 6.18 -2.98
N VAL B 16 -9.34 7.07 -2.06
CA VAL B 16 -8.44 7.51 -1.01
CA VAL B 16 -8.40 7.46 -1.02
C VAL B 16 -8.69 6.66 0.23
N GLU B 17 -7.64 6.34 0.96
CA GLU B 17 -7.75 5.69 2.27
C GLU B 17 -7.60 6.74 3.35
N VAL B 18 -8.36 6.56 4.43
CA VAL B 18 -8.27 7.43 5.59
CA VAL B 18 -8.29 7.44 5.59
C VAL B 18 -8.17 6.61 6.85
N ALA B 19 -7.36 7.08 7.78
CA ALA B 19 -7.27 6.52 9.11
C ALA B 19 -7.30 7.65 10.11
N ASP B 20 -7.73 7.33 11.32
CA ASP B 20 -7.85 8.37 12.34
C ASP B 20 -6.47 8.76 12.86
N ALA B 21 -6.20 10.06 12.83
CA ALA B 21 -4.95 10.54 13.38
C ALA B 21 -4.95 10.44 14.89
N GLN B 22 -3.75 10.31 15.46
CA GLN B 22 -3.58 10.29 16.91
C GLN B 22 -4.26 11.50 17.55
N ASP B 23 -4.92 11.31 18.68
CA ASP B 23 -5.50 12.43 19.41
C ASP B 23 -4.53 12.81 20.54
N TYR B 24 -3.79 13.89 20.35
CA TYR B 24 -2.89 14.38 21.39
C TYR B 24 -2.66 15.88 21.17
N ASP B 25 -2.03 16.50 22.16
CA ASP B 25 -1.78 17.94 22.15
C ASP B 25 -0.50 18.21 21.37
N ARG B 26 -0.65 18.74 20.17
CA ARG B 26 0.49 18.98 19.28
C ARG B 26 1.09 20.37 19.41
N ARG B 27 0.55 21.22 20.30
CA ARG B 27 1.06 22.58 20.42
C ARG B 27 2.52 22.59 20.85
N ALA B 28 3.30 23.48 20.25
CA ALA B 28 4.73 23.57 20.50
C ALA B 28 5.10 25.02 20.79
N ASP B 29 6.23 25.19 21.44
CA ASP B 29 6.71 26.53 21.76
C ASP B 29 7.02 27.31 20.50
N LYS B 30 6.86 28.64 20.56
CA LYS B 30 7.13 29.55 19.45
C LYS B 30 8.23 30.54 19.82
N PRO B 31 9.48 30.08 19.91
CA PRO B 31 10.54 30.98 20.39
C PRO B 31 10.79 32.16 19.47
N TRP B 32 10.44 32.04 18.19
CA TRP B 32 10.66 33.11 17.22
C TRP B 32 9.74 34.29 17.41
N THR B 33 8.73 34.17 18.28
CA THR B 33 7.89 35.31 18.62
C THR B 33 8.38 36.02 19.87
N ARG B 34 9.52 35.59 20.44
CA ARG B 34 10.03 36.15 21.67
C ARG B 34 11.45 36.69 21.51
N LEU B 35 11.63 37.50 20.49
CA LEU B 35 12.94 38.04 20.16
C LEU B 35 12.83 39.56 20.20
N THR B 36 13.57 40.18 21.12
CA THR B 36 13.69 41.62 21.08
C THR B 36 14.53 42.01 19.88
N ALA B 37 14.55 43.32 19.59
CA ALA B 37 15.45 43.84 18.56
C ALA B 37 16.90 43.48 18.86
N ALA B 38 17.32 43.61 20.11
CA ALA B 38 18.69 43.28 20.45
C ALA B 38 18.94 41.79 20.31
N ASP B 39 17.95 40.96 20.66
CA ASP B 39 18.11 39.52 20.46
C ASP B 39 18.32 39.20 18.98
N LYS B 40 17.51 39.79 18.10
CA LYS B 40 17.65 39.55 16.67
C LYS B 40 19.04 39.96 16.20
N ALA B 41 19.53 41.13 16.65
CA ALA B 41 20.86 41.58 16.25
C ALA B 41 21.92 40.57 16.68
N ALA B 42 21.78 40.02 17.89
CA ALA B 42 22.76 39.06 18.38
C ALA B 42 22.71 37.78 17.55
N ILE B 43 21.51 37.36 17.14
CA ILE B 43 21.38 36.13 16.35
C ILE B 43 21.95 36.35 14.95
N ARG B 44 21.72 37.52 14.36
CA ARG B 44 22.33 37.79 13.06
C ARG B 44 23.86 37.73 13.14
N LYS B 45 24.43 38.33 14.19
CA LYS B 45 25.87 38.26 14.39
C LYS B 45 26.35 36.83 14.61
N GLU B 46 25.62 36.06 15.41
CA GLU B 46 25.99 34.68 15.68
CA GLU B 46 25.99 34.68 15.68
C GLU B 46 25.99 33.86 14.41
N LEU B 47 24.92 33.99 13.61
CA LEU B 47 24.82 33.24 12.35
C LEU B 47 25.92 33.64 11.40
N ASN B 48 26.18 34.94 11.27
CA ASN B 48 27.21 35.37 10.35
C ASN B 48 28.57 34.83 10.75
N GLU B 49 28.90 34.84 12.03
CA GLU B 49 30.20 34.35 12.46
C GLU B 49 30.30 32.83 12.26
N PHE B 50 29.23 32.12 12.60
CA PHE B 50 29.19 30.68 12.40
C PHE B 50 29.39 30.33 10.94
N LYS B 51 28.65 31.00 10.04
CA LYS B 51 28.73 30.63 8.64
C LYS B 51 30.07 31.01 8.04
N SER B 52 30.66 32.09 8.51
CA SER B 52 31.92 32.55 7.95
CA SER B 52 31.92 32.53 7.92
C SER B 52 33.09 31.70 8.42
N THR B 53 33.08 31.31 9.70
CA THR B 53 34.29 30.72 10.29
C THR B 53 34.19 29.23 10.55
N GLU B 54 33.01 28.69 10.73
CA GLU B 54 32.87 27.31 11.15
C GLU B 54 32.18 26.42 10.15
N MET B 55 31.21 26.91 9.41
CA MET B 55 30.36 26.04 8.61
C MET B 55 31.05 25.70 7.28
N GLU B 56 31.29 24.42 7.04
CA GLU B 56 31.95 24.00 5.81
CA GLU B 56 31.95 24.00 5.81
C GLU B 56 31.02 24.20 4.62
N VAL B 57 31.54 24.83 3.56
CA VAL B 57 30.81 25.04 2.32
C VAL B 57 31.76 24.77 1.16
N HIS B 58 31.29 24.01 0.18
CA HIS B 58 32.08 23.72 -1.01
C HIS B 58 32.49 25.01 -1.69
N GLU B 59 33.69 25.04 -2.24
CA GLU B 59 34.12 26.24 -2.93
C GLU B 59 33.07 26.76 -3.90
N LEU B 60 32.55 25.86 -4.74
CA LEU B 60 31.68 26.29 -5.81
C LEU B 60 30.33 26.77 -5.31
N SER B 61 30.10 26.75 -4.00
CA SER B 61 28.84 27.18 -3.42
C SER B 61 28.99 28.32 -2.42
N ARG B 62 30.16 28.92 -2.28
CA ARG B 62 30.33 29.96 -1.27
C ARG B 62 29.53 31.22 -1.59
N HIS B 63 29.16 31.40 -2.86
CA HIS B 63 28.30 32.50 -3.26
C HIS B 63 26.86 32.32 -2.80
N LEU B 64 26.46 31.12 -2.35
CA LEU B 64 25.13 30.84 -1.89
C LEU B 64 24.99 31.04 -0.39
N THR B 65 26.06 31.20 0.33
CA THR B 65 25.93 31.30 1.77
C THR B 65 25.19 32.57 2.16
N ARG B 66 24.21 32.42 3.05
CA ARG B 66 23.24 33.48 3.32
C ARG B 66 23.67 34.25 4.56
N PHE B 67 24.14 35.45 4.36
CA PHE B 67 24.52 36.34 5.45
C PHE B 67 23.37 37.31 5.75
N HIS B 68 23.36 37.81 6.96
CA HIS B 68 22.34 38.72 7.46
C HIS B 68 22.95 40.08 7.75
N ARG B 69 22.29 41.15 7.37
CA ARG B 69 22.83 42.48 7.63
C ARG B 69 22.87 42.70 9.14
N PRO B 70 24.04 43.02 9.74
CA PRO B 70 24.11 43.07 11.20
C PRO B 70 23.20 44.10 11.83
N GLY C 4 -15.88 10.71 0.90
CA GLY C 4 -16.16 9.33 0.57
C GLY C 4 -14.98 8.39 0.76
N SER C 5 -13.94 8.87 1.42
CA SER C 5 -12.75 8.07 1.71
C SER C 5 -13.08 6.69 2.27
N LEU C 6 -12.12 5.78 2.20
CA LEU C 6 -12.30 4.42 2.70
C LEU C 6 -11.56 4.30 4.04
N ASN C 7 -12.31 4.16 5.15
CA ASN C 7 -11.67 4.04 6.48
C ASN C 7 -11.40 2.57 6.75
N LEU C 8 -10.34 2.15 6.11
CA LEU C 8 -9.98 0.74 6.08
C LEU C 8 -9.71 0.18 7.48
N ASP C 9 -8.95 0.91 8.30
CA ASP C 9 -8.66 0.43 9.64
C ASP C 9 -9.93 0.30 10.49
N SER C 10 -10.88 1.21 10.30
CA SER C 10 -12.14 1.11 11.03
C SER C 10 -12.93 -0.12 10.59
N ILE C 11 -12.98 -0.36 9.29
CA ILE C 11 -13.68 -1.52 8.75
C ILE C 11 -13.08 -2.81 9.29
N ILE C 12 -11.74 -2.94 9.21
CA ILE C 12 -11.09 -4.14 9.74
C ILE C 12 -11.39 -4.29 11.22
N GLY C 13 -11.33 -3.19 11.98
CA GLY C 13 -11.64 -3.26 13.39
C GLY C 13 -13.01 -3.83 13.65
N ARG C 14 -14.01 -3.40 12.88
CA ARG C 14 -15.37 -3.92 13.04
C ARG C 14 -15.45 -5.38 12.65
N LEU C 15 -14.76 -5.78 11.57
CA LEU C 15 -14.78 -7.18 11.16
C LEU C 15 -14.14 -8.08 12.21
N LEU C 16 -13.08 -7.63 12.86
CA LEU C 16 -12.40 -8.46 13.85
C LEU C 16 -13.07 -8.42 15.21
N GLU C 17 -13.85 -7.38 15.50
CA GLU C 17 -14.39 -7.20 16.85
C GLU C 17 -15.35 -8.33 17.22
N VAL C 18 -15.98 -8.97 16.25
CA VAL C 18 -16.98 -10.01 16.51
C VAL C 18 -16.35 -11.31 16.98
N GLN C 19 -15.03 -11.39 17.02
CA GLN C 19 -14.41 -12.45 17.81
C GLN C 19 -14.65 -12.24 19.31
N GLY C 20 -14.57 -13.33 20.07
CA GLY C 20 -14.87 -13.24 21.49
C GLY C 20 -16.36 -13.32 21.78
N SER C 21 -17.20 -12.83 20.85
CA SER C 21 -18.62 -13.10 20.92
C SER C 21 -18.90 -14.52 20.47
N ARG C 22 -20.00 -15.08 20.96
CA ARG C 22 -20.50 -16.32 20.40
C ARG C 22 -20.54 -16.17 18.89
N PRO C 23 -20.04 -17.15 18.13
CA PRO C 23 -20.03 -17.01 16.67
C PRO C 23 -21.42 -16.71 16.11
N GLY C 24 -21.45 -15.84 15.10
CA GLY C 24 -22.66 -15.71 14.32
C GLY C 24 -23.05 -14.31 13.91
N LYS C 25 -22.57 -13.32 14.63
CA LYS C 25 -23.00 -11.95 14.40
C LYS C 25 -22.61 -11.48 13.00
N ASN C 26 -23.50 -10.71 12.38
CA ASN C 26 -23.12 -9.93 11.22
C ASN C 26 -22.36 -8.68 11.66
N VAL C 27 -21.60 -8.12 10.73
CA VAL C 27 -20.79 -6.93 10.98
C VAL C 27 -21.42 -5.74 10.31
N GLN C 28 -21.40 -4.59 11.01
CA GLN C 28 -21.91 -3.34 10.46
CA GLN C 28 -21.93 -3.35 10.46
C GLN C 28 -20.98 -2.83 9.39
N LEU C 29 -21.44 -2.82 8.15
CA LEU C 29 -20.72 -2.33 7.00
C LEU C 29 -21.68 -1.51 6.17
N THR C 30 -21.31 -0.29 5.81
CA THR C 30 -22.19 0.50 4.97
C THR C 30 -22.03 0.10 3.51
N GLU C 31 -23.02 0.49 2.72
CA GLU C 31 -22.97 0.15 1.30
C GLU C 31 -21.76 0.78 0.64
N ASN C 32 -21.49 2.06 0.94
CA ASN C 32 -20.32 2.71 0.36
C ASN C 32 -19.03 2.07 0.83
N GLU C 33 -18.97 1.60 2.09
CA GLU C 33 -17.77 0.92 2.53
C GLU C 33 -17.52 -0.32 1.69
N ILE C 34 -18.55 -1.12 1.48
CA ILE C 34 -18.38 -2.36 0.72
C ILE C 34 -17.98 -2.04 -0.71
N ARG C 35 -18.64 -1.04 -1.31
CA ARG C 35 -18.24 -0.60 -2.64
C ARG C 35 -16.79 -0.19 -2.67
N GLY C 36 -16.34 0.58 -1.67
CA GLY C 36 -14.96 1.01 -1.64
C GLY C 36 -13.99 -0.16 -1.54
N LEU C 37 -14.32 -1.17 -0.74
CA LEU C 37 -13.47 -2.36 -0.69
C LEU C 37 -13.39 -3.00 -2.07
N CYS C 38 -14.53 -3.13 -2.74
CA CYS C 38 -14.53 -3.73 -4.07
C CYS C 38 -13.69 -2.93 -5.05
N LEU C 39 -13.91 -1.63 -5.11
CA LEU C 39 -13.28 -0.83 -6.15
C LEU C 39 -11.80 -0.61 -5.92
N LYS C 40 -11.40 -0.41 -4.66
CA LYS C 40 -9.99 -0.23 -4.36
C LYS C 40 -9.22 -1.54 -4.53
N SER C 41 -9.79 -2.67 -4.08
CA SER C 41 -9.12 -3.93 -4.31
C SER C 41 -9.02 -4.25 -5.80
N ARG C 42 -10.06 -3.92 -6.56
CA ARG C 42 -10.02 -4.11 -8.01
C ARG C 42 -8.83 -3.40 -8.62
N GLU C 43 -8.59 -2.14 -8.21
CA GLU C 43 -7.44 -1.38 -8.70
CA GLU C 43 -7.45 -1.39 -8.71
C GLU C 43 -6.13 -2.08 -8.39
N ILE C 44 -6.01 -2.60 -7.17
CA ILE C 44 -4.80 -3.30 -6.80
C ILE C 44 -4.63 -4.57 -7.63
N PHE C 45 -5.70 -5.35 -7.80
CA PHE C 45 -5.61 -6.56 -8.60
C PHE C 45 -5.11 -6.24 -10.00
N LEU C 46 -5.63 -5.19 -10.61
CA LEU C 46 -5.22 -4.84 -11.97
C LEU C 46 -3.79 -4.34 -12.03
N SER C 47 -3.25 -3.81 -10.93
CA SER C 47 -1.88 -3.34 -10.87
C SER C 47 -0.85 -4.45 -10.67
N GLN C 48 -1.29 -5.66 -10.36
CA GLN C 48 -0.43 -6.80 -10.17
C GLN C 48 -0.69 -7.78 -11.30
N PRO C 49 0.24 -8.67 -11.59
CA PRO C 49 0.06 -9.58 -12.72
C PRO C 49 -1.09 -10.56 -12.49
N ILE C 50 -1.64 -11.06 -13.61
CA ILE C 50 -2.72 -12.06 -13.55
C ILE C 50 -2.17 -13.44 -13.19
N LEU C 51 -0.89 -13.71 -13.49
CA LEU C 51 -0.14 -14.85 -13.01
C LEU C 51 0.83 -14.30 -11.97
N LEU C 52 0.51 -14.46 -10.70
CA LEU C 52 1.32 -13.89 -9.64
C LEU C 52 2.64 -14.66 -9.54
N GLU C 53 3.72 -13.95 -9.25
CA GLU C 53 5.02 -14.56 -8.97
CA GLU C 53 5.03 -14.55 -8.98
C GLU C 53 5.35 -14.19 -7.54
N LEU C 54 5.20 -15.15 -6.65
CA LEU C 54 5.24 -14.94 -5.23
C LEU C 54 6.48 -15.56 -4.63
N GLU C 55 6.94 -15.02 -3.51
N GLU C 55 6.90 -15.00 -3.51
CA GLU C 55 8.10 -15.55 -2.80
CA GLU C 55 8.04 -15.51 -2.75
C GLU C 55 7.71 -15.91 -1.37
C GLU C 55 7.55 -15.99 -1.39
N ALA C 56 8.08 -17.12 -0.95
CA ALA C 56 7.88 -17.57 0.39
C ALA C 56 8.65 -16.65 1.34
N PRO C 57 8.25 -16.58 2.62
CA PRO C 57 7.27 -17.43 3.31
C PRO C 57 5.85 -17.00 3.05
N LEU C 58 4.97 -18.00 2.98
CA LEU C 58 3.57 -17.81 2.64
C LEU C 58 2.75 -18.92 3.25
N LYS C 59 1.51 -18.63 3.59
CA LYS C 59 0.55 -19.64 4.00
C LYS C 59 -0.56 -19.69 2.95
N ILE C 60 -0.82 -20.87 2.45
CA ILE C 60 -1.74 -21.10 1.33
C ILE C 60 -3.00 -21.77 1.86
N CYS C 61 -4.16 -21.22 1.50
CA CYS C 61 -5.45 -21.65 1.98
C CYS C 61 -6.39 -21.96 0.81
N GLY C 62 -7.23 -22.99 0.99
CA GLY C 62 -8.25 -23.35 0.04
C GLY C 62 -9.61 -22.75 0.38
N ASP C 63 -10.66 -23.46 -0.05
CA ASP C 63 -11.98 -22.84 -0.11
C ASP C 63 -12.46 -22.42 1.28
N ILE C 64 -13.23 -21.32 1.32
CA ILE C 64 -13.81 -20.79 2.54
C ILE C 64 -15.33 -20.75 2.51
N HIS C 65 -15.94 -20.41 1.37
CA HIS C 65 -17.39 -20.51 1.19
C HIS C 65 -18.18 -19.83 2.32
N GLY C 66 -17.83 -18.57 2.60
CA GLY C 66 -18.65 -17.79 3.49
C GLY C 66 -18.66 -18.25 4.93
N GLN C 67 -17.72 -19.10 5.33
CA GLN C 67 -17.63 -19.56 6.72
C GLN C 67 -16.79 -18.57 7.51
N TYR C 68 -17.40 -17.41 7.76
CA TYR C 68 -16.65 -16.27 8.29
C TYR C 68 -16.00 -16.59 9.62
N TYR C 69 -16.73 -17.23 10.54
CA TYR C 69 -16.12 -17.48 11.84
C TYR C 69 -14.99 -18.49 11.74
N ASP C 70 -15.02 -19.38 10.74
CA ASP C 70 -13.85 -20.23 10.49
C ASP C 70 -12.70 -19.46 9.88
N LEU C 71 -12.97 -18.46 9.02
CA LEU C 71 -11.89 -17.60 8.54
C LEU C 71 -11.20 -16.89 9.69
N LEU C 72 -11.97 -16.37 10.65
CA LEU C 72 -11.36 -15.70 11.79
C LEU C 72 -10.48 -16.67 12.57
N ARG C 73 -10.95 -17.90 12.77
CA ARG C 73 -10.16 -18.90 13.48
C ARG C 73 -8.90 -19.27 12.69
N LEU C 74 -9.00 -19.38 11.38
CA LEU C 74 -7.85 -19.64 10.52
CA LEU C 74 -7.84 -19.64 10.55
C LEU C 74 -6.78 -18.56 10.73
N PHE C 75 -7.18 -17.30 10.73
CA PHE C 75 -6.20 -16.23 10.95
C PHE C 75 -5.65 -16.27 12.37
N GLU C 76 -6.47 -16.57 13.36
CA GLU C 76 -5.96 -16.67 14.71
C GLU C 76 -4.90 -17.75 14.79
N TYR C 77 -5.15 -18.87 14.11
CA TYR C 77 -4.26 -20.01 14.12
C TYR C 77 -3.00 -19.75 13.32
N GLY C 78 -3.13 -19.17 12.13
CA GLY C 78 -1.99 -18.93 11.25
C GLY C 78 -1.24 -17.66 11.52
N GLY C 79 -1.87 -16.73 12.23
CA GLY C 79 -1.34 -15.41 12.48
C GLY C 79 -2.12 -14.38 11.68
N PHE C 80 -2.67 -13.36 12.35
CA PHE C 80 -3.41 -12.36 11.63
C PHE C 80 -2.44 -11.53 10.79
N PRO C 81 -2.79 -11.19 9.55
CA PRO C 81 -1.97 -10.26 8.79
C PRO C 81 -1.68 -9.03 9.61
N PRO C 82 -0.45 -8.50 9.56
CA PRO C 82 0.66 -8.88 8.68
C PRO C 82 1.66 -9.85 9.33
N GLU C 83 1.25 -10.54 10.40
CA GLU C 83 2.17 -11.47 11.05
C GLU C 83 2.55 -12.61 10.13
N SER C 84 1.65 -13.03 9.28
CA SER C 84 1.87 -14.04 8.28
C SER C 84 1.43 -13.52 6.93
N ASN C 85 2.01 -14.05 5.86
CA ASN C 85 1.66 -13.73 4.49
C ASN C 85 0.74 -14.82 3.97
N TYR C 86 -0.26 -14.47 3.17
CA TYR C 86 -1.26 -15.40 2.74
C TYR C 86 -1.48 -15.41 1.24
N LEU C 87 -1.81 -16.59 0.73
CA LEU C 87 -2.35 -16.79 -0.60
C LEU C 87 -3.61 -17.66 -0.45
N PHE C 88 -4.75 -17.15 -0.88
CA PHE C 88 -5.99 -17.91 -0.93
C PHE C 88 -6.25 -18.33 -2.37
N LEU C 89 -6.87 -19.51 -2.52
CA LEU C 89 -7.03 -20.14 -3.82
C LEU C 89 -8.45 -20.01 -4.41
N GLY C 90 -9.30 -19.17 -3.85
CA GLY C 90 -10.62 -18.90 -4.41
C GLY C 90 -11.76 -19.51 -3.60
N ASP C 91 -12.96 -19.38 -4.14
CA ASP C 91 -14.19 -19.88 -3.51
C ASP C 91 -14.38 -19.27 -2.12
N TYR C 92 -14.46 -17.94 -2.13
CA TYR C 92 -14.70 -17.15 -0.94
C TYR C 92 -16.16 -17.07 -0.58
N VAL C 93 -17.02 -17.10 -1.60
CA VAL C 93 -18.43 -16.83 -1.47
C VAL C 93 -19.20 -18.07 -1.89
N ASP C 94 -20.51 -18.02 -1.68
CA ASP C 94 -21.48 -19.06 -1.97
C ASP C 94 -21.44 -20.19 -0.96
N ARG C 95 -22.57 -20.87 -0.82
CA ARG C 95 -22.65 -22.13 -0.07
C ARG C 95 -22.18 -21.98 1.36
N GLY C 96 -22.50 -20.86 1.97
CA GLY C 96 -22.19 -20.63 3.36
C GLY C 96 -23.00 -19.47 3.88
N LYS C 97 -22.87 -19.25 5.20
CA LYS C 97 -23.75 -18.33 5.88
C LYS C 97 -23.39 -16.87 5.71
N GLN C 98 -22.11 -16.53 5.61
CA GLN C 98 -21.65 -15.15 5.70
C GLN C 98 -20.61 -14.88 4.62
N SER C 99 -21.01 -15.03 3.37
CA SER C 99 -20.13 -14.65 2.27
C SER C 99 -19.70 -13.19 2.36
N LEU C 100 -20.61 -12.29 2.78
CA LEU C 100 -20.28 -10.85 2.75
CA LEU C 100 -20.28 -10.86 2.75
C LEU C 100 -19.13 -10.52 3.70
N GLU C 101 -19.23 -10.94 4.97
CA GLU C 101 -18.17 -10.65 5.92
C GLU C 101 -16.86 -11.29 5.45
N THR C 102 -16.96 -12.51 4.91
CA THR C 102 -15.78 -13.24 4.46
C THR C 102 -15.05 -12.47 3.38
N ILE C 103 -15.75 -12.13 2.29
CA ILE C 103 -15.08 -11.44 1.20
C ILE C 103 -14.64 -10.05 1.63
N CYS C 104 -15.43 -9.37 2.47
CA CYS C 104 -15.02 -8.04 2.89
C CYS C 104 -13.71 -8.06 3.68
N LEU C 105 -13.54 -9.03 4.59
CA LEU C 105 -12.28 -9.08 5.33
C LEU C 105 -11.12 -9.40 4.40
N LEU C 106 -11.32 -10.32 3.45
CA LEU C 106 -10.25 -10.67 2.52
C LEU C 106 -9.87 -9.48 1.65
N LEU C 107 -10.86 -8.74 1.12
CA LEU C 107 -10.56 -7.57 0.31
C LEU C 107 -9.89 -6.50 1.15
N ALA C 108 -10.36 -6.31 2.37
CA ALA C 108 -9.74 -5.31 3.25
C ALA C 108 -8.28 -5.63 3.48
N TYR C 109 -7.95 -6.90 3.74
CA TYR C 109 -6.53 -7.26 3.93
C TYR C 109 -5.72 -7.12 2.65
N LYS C 110 -6.32 -7.38 1.49
CA LYS C 110 -5.61 -7.15 0.25
C LYS C 110 -5.22 -5.68 0.13
N ILE C 111 -6.14 -4.78 0.47
CA ILE C 111 -5.85 -3.35 0.37
C ILE C 111 -4.83 -2.93 1.41
N LYS C 112 -4.92 -3.47 2.62
CA LYS C 112 -4.01 -3.11 3.69
C LYS C 112 -2.60 -3.59 3.44
N TYR C 113 -2.46 -4.81 2.94
CA TYR C 113 -1.17 -5.51 2.84
C TYR C 113 -1.00 -6.07 1.44
N PRO C 114 -0.97 -5.20 0.43
CA PRO C 114 -1.08 -5.68 -0.95
C PRO C 114 0.09 -6.50 -1.45
N GLU C 115 1.25 -6.37 -0.82
CA GLU C 115 2.42 -7.14 -1.24
C GLU C 115 2.62 -8.41 -0.43
N ASN C 116 1.74 -8.67 0.53
CA ASN C 116 1.87 -9.81 1.43
C ASN C 116 0.58 -10.57 1.60
N PHE C 117 -0.40 -10.33 0.75
CA PHE C 117 -1.71 -10.94 0.91
C PHE C 117 -2.29 -11.05 -0.49
N PHE C 118 -2.67 -12.26 -0.89
CA PHE C 118 -3.05 -12.54 -2.26
C PHE C 118 -4.28 -13.42 -2.30
N LEU C 119 -5.14 -13.13 -3.29
CA LEU C 119 -6.38 -13.83 -3.54
C LEU C 119 -6.44 -14.24 -4.99
N LEU C 120 -6.61 -15.54 -5.27
CA LEU C 120 -6.90 -16.03 -6.60
C LEU C 120 -8.40 -16.13 -6.85
N ARG C 121 -8.76 -16.23 -8.11
CA ARG C 121 -10.13 -16.42 -8.53
C ARG C 121 -10.52 -17.89 -8.47
N GLY C 122 -11.60 -18.21 -7.79
CA GLY C 122 -12.20 -19.52 -7.86
C GLY C 122 -13.38 -19.50 -8.84
N ASN C 123 -13.94 -20.69 -9.08
CA ASN C 123 -15.08 -20.77 -9.97
C ASN C 123 -16.31 -20.10 -9.38
N HIS C 124 -16.40 -19.91 -8.06
CA HIS C 124 -17.50 -19.16 -7.48
C HIS C 124 -17.35 -17.65 -7.58
N GLU C 125 -16.19 -17.15 -7.99
CA GLU C 125 -16.01 -15.72 -8.21
C GLU C 125 -16.34 -15.37 -9.66
N CYS C 126 -17.52 -15.79 -10.10
N CYS C 126 -17.56 -15.76 -10.07
CA CYS C 126 -18.06 -15.34 -11.38
CA CYS C 126 -18.06 -15.64 -11.43
C CYS C 126 -19.56 -15.32 -11.29
C CYS C 126 -19.59 -15.44 -11.36
N ALA C 127 -20.13 -14.51 -12.16
CA ALA C 127 -21.54 -14.15 -12.06
C ALA C 127 -22.45 -15.35 -12.26
N SER C 128 -22.18 -16.19 -13.24
CA SER C 128 -23.12 -17.26 -13.52
C SER C 128 -23.22 -18.27 -12.37
N ILE C 129 -22.13 -18.48 -11.62
CA ILE C 129 -22.13 -19.42 -10.51
C ILE C 129 -22.69 -18.79 -9.26
N ASN C 130 -22.18 -17.61 -8.88
CA ASN C 130 -22.60 -17.01 -7.62
C ASN C 130 -23.97 -16.32 -7.71
N ARG C 131 -24.54 -16.25 -8.92
CA ARG C 131 -25.95 -15.88 -9.05
C ARG C 131 -26.83 -16.93 -8.38
N ILE C 132 -26.46 -18.20 -8.48
CA ILE C 132 -27.34 -19.29 -8.05
C ILE C 132 -26.86 -20.04 -6.82
N TYR C 133 -25.57 -19.97 -6.46
CA TYR C 133 -25.08 -20.76 -5.33
C TYR C 133 -25.05 -19.98 -4.02
N GLY C 134 -25.68 -18.80 -3.96
CA GLY C 134 -26.00 -18.17 -2.71
C GLY C 134 -25.62 -16.70 -2.58
N PHE C 135 -24.56 -16.26 -3.26
CA PHE C 135 -24.03 -14.94 -2.97
C PHE C 135 -24.97 -13.84 -3.45
N TYR C 136 -25.56 -13.98 -4.63
CA TYR C 136 -26.55 -13.00 -5.08
C TYR C 136 -27.66 -12.85 -4.05
N ASP C 137 -28.14 -13.97 -3.53
CA ASP C 137 -29.22 -13.92 -2.55
C ASP C 137 -28.79 -13.22 -1.27
N GLU C 138 -27.55 -13.48 -0.81
CA GLU C 138 -27.06 -12.81 0.38
C GLU C 138 -26.89 -11.31 0.14
N CYS C 139 -26.33 -10.93 -1.00
CA CYS C 139 -26.17 -9.51 -1.32
C CYS C 139 -27.51 -8.81 -1.34
N LYS C 140 -28.49 -9.44 -1.96
CA LYS C 140 -29.81 -8.83 -2.07
C LYS C 140 -30.41 -8.60 -0.68
N ARG C 141 -30.45 -9.64 0.13
N ARG C 141 -30.20 -9.53 0.27
CA ARG C 141 -31.20 -9.56 1.38
CA ARG C 141 -30.69 -9.39 1.65
C ARG C 141 -30.43 -8.73 2.38
C ARG C 141 -29.97 -8.26 2.41
N ARG C 142 -29.11 -8.87 2.40
N ARG C 142 -28.66 -8.16 2.27
CA ARG C 142 -28.30 -7.96 3.19
CA ARG C 142 -27.91 -7.16 3.02
C ARG C 142 -28.45 -6.55 2.63
C ARG C 142 -28.08 -5.75 2.45
N TYR C 143 -28.42 -6.41 1.29
N TYR C 143 -28.15 -5.61 1.12
CA TYR C 143 -28.35 -5.12 0.64
CA TYR C 143 -28.35 -4.32 0.49
C TYR C 143 -29.27 -5.07 -0.59
C TYR C 143 -29.27 -4.46 -0.71
N ASN C 144 -28.71 -5.22 -1.80
N ASN C 144 -28.77 -4.97 -1.84
CA ASN C 144 -29.50 -5.15 -3.03
CA ASN C 144 -29.52 -5.03 -3.07
C ASN C 144 -28.68 -5.78 -4.15
C ASN C 144 -28.70 -5.73 -4.15
N ILE C 145 -29.32 -5.97 -5.31
CA ILE C 145 -28.64 -6.63 -6.40
C ILE C 145 -27.53 -5.77 -6.99
N LYS C 146 -27.65 -4.44 -6.93
CA LYS C 146 -26.55 -3.61 -7.41
C LYS C 146 -25.25 -3.92 -6.68
N LEU C 147 -25.33 -4.31 -5.41
CA LEU C 147 -24.11 -4.64 -4.69
C LEU C 147 -23.47 -5.90 -5.25
N TRP C 148 -24.29 -6.86 -5.62
CA TRP C 148 -23.79 -8.06 -6.29
C TRP C 148 -23.09 -7.71 -7.60
N LYS C 149 -23.64 -6.76 -8.36
CA LYS C 149 -23.00 -6.32 -9.60
C LYS C 149 -21.66 -5.64 -9.33
N THR C 150 -21.54 -4.90 -8.25
CA THR C 150 -20.26 -4.30 -7.89
C THR C 150 -19.24 -5.39 -7.54
N PHE C 151 -19.65 -6.40 -6.78
CA PHE C 151 -18.73 -7.50 -6.50
C PHE C 151 -18.29 -8.16 -7.77
N THR C 152 -19.19 -8.33 -8.73
CA THR C 152 -18.85 -9.00 -9.97
C THR C 152 -17.71 -8.28 -10.67
N ASP C 153 -17.78 -6.94 -10.70
CA ASP C 153 -16.71 -6.17 -11.34
CA ASP C 153 -16.72 -6.15 -11.32
C ASP C 153 -15.37 -6.40 -10.65
N CYS C 154 -15.37 -6.53 -9.33
CA CYS C 154 -14.15 -6.83 -8.58
C CYS C 154 -13.63 -8.23 -8.90
N PHE C 155 -14.52 -9.23 -8.82
CA PHE C 155 -14.14 -10.61 -9.09
C PHE C 155 -13.61 -10.81 -10.49
N ASN C 156 -14.15 -10.07 -11.47
CA ASN C 156 -13.71 -10.17 -12.84
C ASN C 156 -12.26 -9.72 -13.01
N CYS C 157 -11.69 -9.10 -11.99
CA CYS C 157 -10.30 -8.66 -12.02
C CYS C 157 -9.35 -9.47 -11.14
N LEU C 158 -9.82 -10.52 -10.49
CA LEU C 158 -8.93 -11.32 -9.66
C LEU C 158 -7.86 -12.00 -10.53
N PRO C 159 -6.65 -12.18 -10.00
CA PRO C 159 -5.67 -13.03 -10.71
C PRO C 159 -6.11 -14.48 -10.68
N ILE C 160 -5.53 -15.26 -11.62
CA ILE C 160 -6.04 -16.60 -11.85
CA ILE C 160 -5.99 -16.59 -11.98
C ILE C 160 -5.07 -17.71 -11.47
N ALA C 161 -3.79 -17.43 -11.28
CA ALA C 161 -2.85 -18.45 -10.87
C ALA C 161 -1.68 -17.76 -10.20
N ALA C 162 -0.86 -18.54 -9.50
CA ALA C 162 0.35 -18.02 -8.89
C ALA C 162 1.44 -19.08 -9.00
N ILE C 163 2.68 -18.64 -9.06
CA ILE C 163 3.83 -19.53 -8.94
C ILE C 163 4.63 -19.04 -7.75
N VAL C 164 4.87 -19.93 -6.80
CA VAL C 164 5.62 -19.61 -5.59
C VAL C 164 7.06 -20.08 -5.79
N ASP C 165 8.01 -19.13 -5.74
CA ASP C 165 9.45 -19.40 -5.86
C ASP C 165 9.79 -20.33 -7.02
N GLU C 166 9.15 -20.10 -8.15
CA GLU C 166 9.43 -20.81 -9.38
C GLU C 166 9.14 -22.30 -9.30
N LYS C 167 8.46 -22.77 -8.26
CA LYS C 167 8.35 -24.22 -8.06
C LYS C 167 6.96 -24.72 -7.69
N ILE C 168 6.05 -23.90 -7.16
CA ILE C 168 4.72 -24.38 -6.80
C ILE C 168 3.73 -23.62 -7.65
N PHE C 169 3.01 -24.33 -8.52
CA PHE C 169 1.97 -23.73 -9.36
C PHE C 169 0.64 -23.84 -8.64
N CYS C 170 -0.03 -22.71 -8.45
CA CYS C 170 -1.23 -22.62 -7.64
C CYS C 170 -2.39 -22.11 -8.50
N CYS C 171 -3.52 -22.78 -8.39
CA CYS C 171 -4.75 -22.32 -9.02
C CYS C 171 -5.91 -22.97 -8.30
N HIS C 172 -7.14 -22.51 -8.58
CA HIS C 172 -8.27 -23.05 -7.85
C HIS C 172 -8.59 -24.49 -8.25
N GLY C 173 -8.76 -24.73 -9.55
CA GLY C 173 -9.23 -25.98 -10.10
C GLY C 173 -8.07 -26.87 -10.48
N GLY C 174 -7.52 -26.70 -11.67
CA GLY C 174 -6.42 -27.54 -12.03
C GLY C 174 -5.90 -27.27 -13.40
N LEU C 175 -5.34 -28.31 -14.00
CA LEU C 175 -4.63 -28.20 -15.26
C LEU C 175 -5.61 -28.16 -16.43
N SER C 176 -5.07 -27.83 -17.60
CA SER C 176 -5.86 -27.68 -18.80
C SER C 176 -5.14 -28.35 -19.95
N PRO C 177 -5.87 -29.00 -20.86
CA PRO C 177 -5.21 -29.51 -22.07
C PRO C 177 -4.78 -28.38 -23.00
N ASP C 178 -5.21 -27.15 -22.73
CA ASP C 178 -4.88 -25.96 -23.52
C ASP C 178 -3.91 -25.04 -22.79
N LEU C 179 -3.13 -25.59 -21.88
CA LEU C 179 -2.04 -24.88 -21.23
C LEU C 179 -0.73 -25.54 -21.61
N GLN C 180 0.02 -24.88 -22.49
CA GLN C 180 1.36 -25.32 -22.86
C GLN C 180 2.45 -24.34 -22.43
N SER C 181 2.10 -23.08 -22.20
CA SER C 181 3.06 -22.06 -21.80
C SER C 181 2.43 -21.16 -20.77
N MET C 182 3.22 -20.70 -19.81
CA MET C 182 2.71 -19.73 -18.86
C MET C 182 2.31 -18.43 -19.56
N GLU C 183 2.82 -18.17 -20.75
CA GLU C 183 2.41 -16.98 -21.51
C GLU C 183 0.93 -16.99 -21.80
N GLN C 184 0.32 -18.17 -21.93
CA GLN C 184 -1.11 -18.25 -22.18
C GLN C 184 -1.94 -17.79 -20.99
N ILE C 185 -1.39 -17.84 -19.77
CA ILE C 185 -2.04 -17.24 -18.62
C ILE C 185 -1.77 -15.74 -18.60
N ARG C 186 -0.51 -15.35 -18.77
CA ARG C 186 -0.11 -13.95 -18.64
C ARG C 186 -0.81 -13.05 -19.64
N ARG C 187 -1.21 -13.58 -20.79
CA ARG C 187 -1.81 -12.75 -21.83
C ARG C 187 -3.26 -12.40 -21.54
N ILE C 188 -3.90 -13.04 -20.58
CA ILE C 188 -5.33 -12.85 -20.36
C ILE C 188 -5.56 -11.47 -19.78
N MET C 189 -6.52 -10.75 -20.37
CA MET C 189 -6.83 -9.37 -19.99
C MET C 189 -8.08 -9.26 -19.13
N ARG C 190 -8.05 -8.36 -18.17
CA ARG C 190 -9.12 -8.16 -17.21
C ARG C 190 -9.66 -6.74 -17.31
N PRO C 191 -10.95 -6.54 -16.97
CA PRO C 191 -11.89 -7.54 -16.45
C PRO C 191 -12.29 -8.57 -17.48
N THR C 192 -12.54 -9.78 -17.00
CA THR C 192 -13.05 -10.83 -17.86
C THR C 192 -14.03 -11.70 -17.07
N ASP C 193 -14.94 -12.31 -17.82
CA ASP C 193 -15.76 -13.40 -17.32
C ASP C 193 -14.96 -14.69 -17.37
N VAL C 194 -15.53 -15.73 -16.76
CA VAL C 194 -15.04 -17.09 -16.85
C VAL C 194 -15.83 -17.80 -17.94
N PRO C 195 -15.21 -18.31 -18.98
CA PRO C 195 -15.93 -18.96 -20.07
C PRO C 195 -16.37 -20.36 -19.65
N ASP C 196 -17.19 -20.98 -20.48
CA ASP C 196 -17.61 -22.35 -20.25
C ASP C 196 -16.69 -23.37 -20.89
N GLN C 197 -15.57 -22.94 -21.47
CA GLN C 197 -14.60 -23.83 -22.09
C GLN C 197 -13.29 -23.07 -22.19
N GLY C 198 -12.21 -23.81 -22.40
CA GLY C 198 -10.91 -23.23 -22.61
C GLY C 198 -10.11 -23.12 -21.34
N LEU C 199 -8.90 -22.57 -21.52
CA LEU C 199 -7.90 -22.49 -20.45
C LEU C 199 -8.44 -21.88 -19.16
N LEU C 200 -9.09 -20.71 -19.25
CA LEU C 200 -9.51 -20.03 -18.03
C LEU C 200 -10.58 -20.84 -17.30
N CYS C 201 -11.48 -21.48 -18.06
CA CYS C 201 -12.42 -22.41 -17.44
C CYS C 201 -11.69 -23.51 -16.67
N ASP C 202 -10.75 -24.19 -17.34
CA ASP C 202 -10.11 -25.34 -16.73
C ASP C 202 -9.33 -24.96 -15.47
N LEU C 203 -8.63 -23.83 -15.49
CA LEU C 203 -7.87 -23.42 -14.32
C LEU C 203 -8.75 -23.27 -13.10
N LEU C 204 -10.04 -22.96 -13.28
CA LEU C 204 -10.97 -22.75 -12.19
C LEU C 204 -11.85 -23.96 -11.92
N TRP C 205 -11.86 -24.95 -12.81
CA TRP C 205 -12.85 -26.01 -12.74
C TRP C 205 -12.32 -27.44 -12.75
N SER C 206 -11.14 -27.74 -13.28
CA SER C 206 -10.76 -29.13 -13.49
C SER C 206 -10.39 -29.81 -12.17
N ASP C 207 -10.41 -31.15 -12.20
CA ASP C 207 -10.11 -31.97 -11.04
C ASP C 207 -9.16 -33.10 -11.40
N PRO C 208 -8.27 -33.47 -10.47
CA PRO C 208 -7.49 -34.70 -10.64
C PRO C 208 -8.38 -35.92 -10.43
N ASP C 209 -8.05 -37.02 -11.12
CA ASP C 209 -8.79 -38.28 -10.95
C ASP C 209 -7.84 -39.45 -11.15
N LYS C 210 -7.74 -40.31 -10.12
CA LYS C 210 -6.82 -41.44 -10.17
C LYS C 210 -7.23 -42.46 -11.23
N ASP C 211 -8.48 -42.47 -11.65
CA ASP C 211 -8.96 -43.48 -12.60
C ASP C 211 -8.88 -43.05 -14.06
N VAL C 212 -8.39 -41.85 -14.32
CA VAL C 212 -8.29 -41.34 -15.68
C VAL C 212 -6.83 -41.44 -16.10
N GLN C 213 -6.60 -41.95 -17.31
CA GLN C 213 -5.25 -42.10 -17.82
C GLN C 213 -4.64 -40.74 -18.17
N GLY C 214 -5.29 -40.00 -19.06
CA GLY C 214 -4.84 -38.68 -19.46
C GLY C 214 -5.86 -37.65 -19.04
N TRP C 215 -6.72 -37.25 -19.99
CA TRP C 215 -7.82 -36.33 -19.75
C TRP C 215 -9.14 -37.09 -19.82
N GLY C 216 -10.11 -36.68 -19.00
CA GLY C 216 -11.44 -37.23 -19.05
C GLY C 216 -12.48 -36.13 -18.95
N GLU C 217 -13.72 -36.51 -19.21
CA GLU C 217 -14.84 -35.60 -19.00
C GLU C 217 -15.14 -35.46 -17.51
N ASN C 218 -15.51 -34.27 -17.10
CA ASN C 218 -15.76 -33.98 -15.70
C ASN C 218 -17.25 -34.05 -15.42
N ASP C 219 -17.61 -34.76 -14.34
CA ASP C 219 -18.99 -34.92 -13.93
C ASP C 219 -19.66 -33.60 -13.57
N ARG C 220 -18.88 -32.54 -13.35
CA ARG C 220 -19.47 -31.23 -13.08
C ARG C 220 -20.17 -30.63 -14.29
N GLY C 221 -19.98 -31.18 -15.49
CA GLY C 221 -20.67 -30.67 -16.67
C GLY C 221 -19.89 -29.61 -17.41
N VAL C 222 -18.68 -29.32 -16.96
CA VAL C 222 -17.77 -28.41 -17.63
CA VAL C 222 -17.77 -28.41 -17.61
C VAL C 222 -16.38 -28.93 -17.35
N SER C 223 -15.45 -28.56 -18.22
CA SER C 223 -14.02 -28.85 -18.03
C SER C 223 -13.74 -30.35 -18.05
N PHE C 224 -12.65 -30.74 -17.39
CA PHE C 224 -12.04 -32.04 -17.55
C PHE C 224 -11.61 -32.59 -16.20
N THR C 225 -11.34 -33.89 -16.16
CA THR C 225 -10.50 -34.51 -15.16
C THR C 225 -9.14 -34.80 -15.79
N PHE C 226 -8.13 -34.93 -14.95
CA PHE C 226 -6.80 -35.25 -15.42
C PHE C 226 -6.14 -36.23 -14.48
N GLY C 227 -5.33 -37.10 -15.05
CA GLY C 227 -4.64 -38.13 -14.30
C GLY C 227 -3.21 -37.79 -13.93
N ALA C 228 -2.58 -38.78 -13.30
CA ALA C 228 -1.21 -38.63 -12.80
C ALA C 228 -0.21 -38.39 -13.91
N GLU C 229 -0.44 -38.97 -15.09
CA GLU C 229 0.50 -38.77 -16.20
C GLU C 229 0.50 -37.32 -16.63
N VAL C 230 -0.68 -36.69 -16.64
CA VAL C 230 -0.76 -35.27 -16.99
C VAL C 230 -0.01 -34.42 -15.99
N VAL C 231 -0.15 -34.74 -14.71
CA VAL C 231 0.54 -33.98 -13.67
C VAL C 231 2.05 -34.07 -13.89
N ALA C 232 2.58 -35.29 -14.08
CA ALA C 232 4.02 -35.44 -14.24
C ALA C 232 4.50 -34.69 -15.47
N LYS C 233 3.73 -34.78 -16.57
CA LYS C 233 4.17 -34.11 -17.79
C LYS C 233 4.24 -32.60 -17.58
N PHE C 234 3.23 -32.05 -16.91
CA PHE C 234 3.18 -30.61 -16.66
C PHE C 234 4.35 -30.15 -15.79
N LEU C 235 4.61 -30.87 -14.70
CA LEU C 235 5.67 -30.44 -13.80
C LEU C 235 7.01 -30.46 -14.52
N HIS C 236 7.25 -31.46 -15.36
CA HIS C 236 8.53 -31.52 -16.04
C HIS C 236 8.64 -30.47 -17.13
N LYS C 237 7.54 -30.21 -17.84
CA LYS C 237 7.59 -29.21 -18.90
C LYS C 237 7.98 -27.85 -18.36
N HIS C 238 7.51 -27.52 -17.15
CA HIS C 238 7.72 -26.19 -16.58
C HIS C 238 8.75 -26.16 -15.47
N ASP C 239 9.40 -27.27 -15.20
CA ASP C 239 10.38 -27.40 -14.13
C ASP C 239 9.82 -26.94 -12.79
N LEU C 240 8.64 -27.45 -12.49
CA LEU C 240 7.94 -27.19 -11.23
C LEU C 240 7.98 -28.45 -10.37
N ASP C 241 7.74 -28.28 -9.07
CA ASP C 241 7.74 -29.38 -8.13
C ASP C 241 6.37 -29.80 -7.61
N LEU C 242 5.39 -28.90 -7.63
CA LEU C 242 4.12 -29.17 -6.98
C LEU C 242 3.04 -28.32 -7.65
N ILE C 243 1.86 -28.92 -7.83
CA ILE C 243 0.61 -28.19 -8.09
C ILE C 243 -0.15 -28.11 -6.78
N CYS C 244 -0.57 -26.90 -6.40
CA CYS C 244 -1.35 -26.67 -5.21
CA CYS C 244 -1.35 -26.65 -5.20
C CYS C 244 -2.68 -26.07 -5.64
N ARG C 245 -3.76 -26.79 -5.38
CA ARG C 245 -5.09 -26.39 -5.84
C ARG C 245 -6.09 -26.66 -4.73
N ALA C 246 -7.36 -26.37 -5.01
CA ALA C 246 -8.41 -26.43 -3.99
C ALA C 246 -9.62 -27.16 -4.57
N HIS C 247 -10.85 -26.62 -4.40
CA HIS C 247 -11.97 -26.98 -5.27
C HIS C 247 -12.63 -28.32 -4.94
N GLN C 248 -12.08 -29.12 -4.03
CA GLN C 248 -12.70 -30.38 -3.61
C GLN C 248 -12.56 -30.53 -2.10
N VAL C 249 -13.66 -30.93 -1.45
CA VAL C 249 -13.60 -31.27 -0.04
C VAL C 249 -12.73 -32.49 0.17
N VAL C 250 -11.81 -32.42 1.12
CA VAL C 250 -10.93 -33.52 1.47
C VAL C 250 -10.92 -33.65 2.99
N GLU C 251 -10.89 -34.88 3.48
CA GLU C 251 -11.24 -35.15 4.86
C GLU C 251 -10.32 -34.47 5.86
N ASP C 252 -9.01 -34.45 5.59
CA ASP C 252 -8.08 -33.82 6.51
C ASP C 252 -7.78 -32.37 6.16
N GLY C 253 -8.50 -31.78 5.21
CA GLY C 253 -8.20 -30.44 4.79
C GLY C 253 -7.12 -30.36 3.74
N TYR C 254 -6.25 -31.35 3.64
CA TYR C 254 -5.29 -31.44 2.57
C TYR C 254 -5.24 -32.88 2.12
N GLU C 255 -4.95 -33.09 0.84
CA GLU C 255 -4.82 -34.45 0.33
C GLU C 255 -3.92 -34.44 -0.88
N PHE C 256 -2.96 -35.36 -0.90
CA PHE C 256 -2.03 -35.47 -2.01
C PHE C 256 -2.61 -36.31 -3.14
N PHE C 257 -2.05 -36.11 -4.33
CA PHE C 257 -2.39 -36.83 -5.54
C PHE C 257 -1.10 -37.04 -6.31
N ALA C 258 -1.02 -38.17 -7.02
CA ALA C 258 0.13 -38.44 -7.89
C ALA C 258 1.43 -38.41 -7.08
N LYS C 259 1.46 -39.20 -6.00
CA LYS C 259 2.63 -39.30 -5.13
C LYS C 259 3.22 -37.93 -4.75
N ARG C 260 2.38 -37.10 -4.19
CA ARG C 260 2.77 -35.77 -3.69
C ARG C 260 3.15 -34.74 -4.75
N GLN C 261 2.90 -35.01 -6.01
CA GLN C 261 3.09 -34.02 -7.07
C GLN C 261 1.98 -32.98 -7.12
N LEU C 262 0.86 -33.25 -6.50
CA LEU C 262 -0.27 -32.33 -6.44
C LEU C 262 -0.83 -32.44 -5.03
N VAL C 263 -1.28 -31.31 -4.49
CA VAL C 263 -2.01 -31.28 -3.24
C VAL C 263 -3.29 -30.46 -3.44
N THR C 264 -4.37 -30.95 -2.85
CA THR C 264 -5.63 -30.24 -2.72
C THR C 264 -5.76 -29.70 -1.31
N LEU C 265 -6.09 -28.42 -1.18
CA LEU C 265 -6.32 -27.75 0.08
C LEU C 265 -7.78 -27.32 0.17
N PHE C 266 -8.36 -27.46 1.36
CA PHE C 266 -9.73 -27.06 1.60
C PHE C 266 -9.78 -26.48 2.99
N SER C 267 -10.29 -25.26 3.15
CA SER C 267 -10.10 -24.53 4.39
C SER C 267 -11.38 -24.25 5.17
N ALA C 268 -12.49 -24.84 4.79
CA ALA C 268 -13.76 -24.64 5.48
C ALA C 268 -14.09 -25.91 6.26
N PRO C 269 -13.80 -25.97 7.56
CA PRO C 269 -14.09 -27.19 8.32
C PRO C 269 -15.59 -27.43 8.38
N ASN C 270 -15.96 -28.71 8.53
CA ASN C 270 -17.36 -29.07 8.68
C ASN C 270 -18.21 -28.37 7.62
N TYR C 271 -17.81 -28.56 6.38
CA TYR C 271 -18.30 -27.73 5.28
C TYR C 271 -19.82 -27.68 5.26
N CYS C 272 -20.34 -26.46 5.29
CA CYS C 272 -21.75 -26.07 5.25
CA CYS C 272 -21.77 -26.20 5.15
C CYS C 272 -22.61 -26.85 6.24
N GLY C 273 -21.99 -27.32 7.32
CA GLY C 273 -22.71 -28.10 8.31
C GLY C 273 -23.19 -29.44 7.83
N GLU C 274 -22.68 -29.93 6.69
CA GLU C 274 -23.12 -31.19 6.11
C GLU C 274 -22.01 -32.22 5.96
N PHE C 275 -20.76 -31.83 6.11
CA PHE C 275 -19.62 -32.71 5.92
C PHE C 275 -18.74 -32.65 7.17
N ASP C 276 -17.94 -33.70 7.37
CA ASP C 276 -17.15 -33.86 8.58
C ASP C 276 -15.66 -33.64 8.36
N ASN C 277 -15.31 -32.81 7.39
CA ASN C 277 -13.93 -32.57 7.03
C ASN C 277 -13.27 -31.56 7.97
N ALA C 278 -11.94 -31.64 8.02
CA ALA C 278 -11.11 -30.58 8.60
C ALA C 278 -10.81 -29.53 7.54
N GLY C 279 -10.35 -28.38 8.01
CA GLY C 279 -9.80 -27.34 7.15
C GLY C 279 -8.29 -27.29 7.35
N ALA C 280 -7.54 -27.05 6.27
CA ALA C 280 -6.09 -26.97 6.37
C ALA C 280 -5.53 -25.73 5.69
N MET C 281 -4.32 -25.38 6.09
CA MET C 281 -3.49 -24.41 5.40
CA MET C 281 -3.48 -24.40 5.43
C MET C 281 -2.12 -25.04 5.22
N MET C 282 -1.43 -24.67 4.14
CA MET C 282 -0.08 -25.14 3.87
C MET C 282 0.89 -23.98 4.01
N SER C 283 1.81 -24.05 4.98
CA SER C 283 2.86 -23.06 5.13
CA SER C 283 2.85 -23.05 5.11
C SER C 283 4.03 -23.44 4.24
N VAL C 284 4.58 -22.47 3.54
CA VAL C 284 5.78 -22.63 2.73
C VAL C 284 6.83 -21.70 3.31
N ASP C 285 7.94 -22.25 3.78
CA ASP C 285 8.97 -21.40 4.37
C ASP C 285 9.96 -20.96 3.28
N GLU C 286 10.91 -20.12 3.68
CA GLU C 286 11.85 -19.56 2.72
C GLU C 286 12.76 -20.63 2.10
N THR C 287 12.81 -21.83 2.69
CA THR C 287 13.59 -22.91 2.10
C THR C 287 12.78 -23.79 1.17
N LEU C 288 11.49 -23.49 1.01
CA LEU C 288 10.57 -24.33 0.24
C LEU C 288 10.21 -25.60 0.98
N MET C 289 10.30 -25.59 2.30
CA MET C 289 9.70 -26.63 3.11
CA MET C 289 9.70 -26.63 3.10
C MET C 289 8.23 -26.30 3.34
N CYS C 290 7.37 -27.26 3.04
CA CYS C 290 5.92 -27.13 3.13
C CYS C 290 5.44 -27.94 4.31
N SER C 291 4.53 -27.38 5.09
CA SER C 291 3.98 -28.05 6.25
C SER C 291 2.52 -27.69 6.39
N PHE C 292 1.78 -28.53 7.08
CA PHE C 292 0.34 -28.41 7.16
C PHE C 292 -0.12 -28.13 8.58
N GLN C 293 -1.08 -27.22 8.69
CA GLN C 293 -1.75 -26.93 9.95
CA GLN C 293 -1.76 -26.89 9.94
C GLN C 293 -3.24 -27.11 9.71
N ILE C 294 -3.87 -27.91 10.57
CA ILE C 294 -5.25 -28.23 10.32
CA ILE C 294 -5.23 -28.40 10.38
C ILE C 294 -6.11 -27.89 11.51
N LEU C 295 -7.35 -27.53 11.18
CA LEU C 295 -8.39 -27.19 12.14
CA LEU C 295 -8.42 -27.15 12.10
C LEU C 295 -9.48 -28.22 11.98
N LYS C 296 -9.62 -29.07 13.00
CA LYS C 296 -10.52 -30.20 12.86
C LYS C 296 -11.78 -29.98 13.68
N PRO C 297 -12.95 -30.39 13.20
CA PRO C 297 -14.12 -30.38 14.08
C PRO C 297 -13.86 -31.28 15.27
N ALA C 298 -14.39 -30.88 16.42
CA ALA C 298 -13.93 -31.48 17.67
C ALA C 298 -14.38 -32.94 17.86
N LYS C 325 -24.34 -33.71 -3.00
CA LYS C 325 -22.89 -33.79 -3.17
C LYS C 325 -22.23 -32.47 -2.79
N SER C 326 -20.96 -32.54 -2.37
CA SER C 326 -20.31 -31.32 -1.92
C SER C 326 -19.80 -30.48 -3.08
N SER C 327 -19.66 -31.04 -4.27
CA SER C 327 -19.12 -30.29 -5.39
C SER C 327 -20.20 -29.52 -6.11
N SER C 328 -19.79 -28.42 -6.71
CA SER C 328 -20.69 -27.60 -7.51
C SER C 328 -20.61 -27.99 -8.98
N THR C 329 -21.73 -27.84 -9.66
CA THR C 329 -21.90 -28.15 -11.06
C THR C 329 -21.80 -26.86 -11.87
N GLY C 330 -21.35 -27.00 -13.11
CA GLY C 330 -21.14 -25.86 -13.97
C GLY C 330 -22.19 -25.61 -15.01
N ASN C 331 -23.18 -26.49 -15.13
CA ASN C 331 -24.21 -26.38 -16.16
C ASN C 331 -25.61 -26.51 -15.57
N LEU C 332 -25.81 -26.04 -14.33
CA LEU C 332 -27.11 -26.22 -13.68
C LEU C 332 -28.21 -25.49 -14.44
N LEU C 333 -27.92 -24.35 -15.04
CA LEU C 333 -28.93 -23.62 -15.76
C LEU C 333 -29.12 -24.16 -17.16
N ASP C 334 -28.10 -24.78 -17.73
CA ASP C 334 -28.03 -25.04 -19.16
C ASP C 334 -28.33 -26.46 -19.56
N LYS C 335 -28.15 -27.42 -18.65
CA LYS C 335 -28.48 -28.80 -18.99
C LYS C 335 -29.95 -28.88 -19.38
N ASP C 336 -30.26 -29.85 -20.24
CA ASP C 336 -31.64 -30.02 -20.71
C ASP C 336 -32.58 -30.11 -19.52
N ASP C 337 -33.74 -29.45 -19.66
CA ASP C 337 -34.74 -29.44 -18.60
C ASP C 337 -35.20 -30.86 -18.26
N ARG D 6 16.08 -35.80 -11.81
CA ARG D 6 15.78 -34.37 -11.67
C ARG D 6 15.72 -33.94 -10.20
N LYS D 7 16.36 -32.81 -9.90
CA LYS D 7 16.39 -32.32 -8.52
C LYS D 7 15.07 -31.62 -8.18
N ILE D 8 14.48 -32.04 -7.07
CA ILE D 8 13.27 -31.45 -6.52
C ILE D 8 13.69 -30.53 -5.38
N LEU D 9 13.18 -29.29 -5.36
CA LEU D 9 13.49 -28.38 -4.26
C LEU D 9 12.51 -28.52 -3.09
N ILE D 10 11.23 -28.70 -3.38
CA ILE D 10 10.24 -28.77 -2.32
C ILE D 10 10.51 -29.96 -1.41
N ARG D 11 10.15 -29.79 -0.15
CA ARG D 11 10.03 -30.91 0.78
C ARG D 11 8.78 -30.69 1.59
N PHE D 12 8.26 -31.77 2.16
CA PHE D 12 7.14 -31.74 3.07
C PHE D 12 7.64 -32.11 4.45
N SER D 13 7.57 -31.19 5.37
CA SER D 13 7.69 -31.63 6.74
C SER D 13 6.48 -32.51 6.97
N ASP D 14 6.70 -33.65 7.52
CA ASP D 14 5.60 -34.54 7.84
CA ASP D 14 5.61 -34.55 7.85
C ASP D 14 5.04 -34.29 9.23
N TYR D 15 5.57 -33.27 9.95
CA TYR D 15 4.98 -32.85 11.21
CA TYR D 15 5.00 -32.83 11.22
C TYR D 15 3.76 -31.98 10.96
N VAL D 16 2.64 -32.36 11.56
CA VAL D 16 1.37 -31.72 11.30
C VAL D 16 0.89 -31.07 12.59
N GLU D 17 0.48 -29.80 12.51
CA GLU D 17 -0.13 -29.14 13.65
C GLU D 17 -1.65 -29.33 13.56
N VAL D 18 -2.26 -29.71 14.67
CA VAL D 18 -3.70 -29.91 14.72
C VAL D 18 -4.28 -29.11 15.86
N ALA D 19 -5.36 -28.40 15.61
CA ALA D 19 -6.12 -27.69 16.63
C ALA D 19 -7.59 -27.84 16.29
N ASP D 20 -8.45 -27.48 17.24
CA ASP D 20 -9.88 -27.64 17.03
C ASP D 20 -10.47 -26.41 16.34
N ALA D 21 -11.34 -26.67 15.38
CA ALA D 21 -12.08 -25.61 14.73
C ALA D 21 -13.13 -25.05 15.67
N GLN D 22 -13.68 -23.91 15.27
CA GLN D 22 -14.83 -23.32 15.96
C GLN D 22 -15.98 -24.32 16.06
N ASP D 23 -16.84 -24.12 17.04
CA ASP D 23 -18.01 -24.98 17.26
C ASP D 23 -19.26 -24.12 17.07
N TYR D 24 -19.94 -24.24 15.93
CA TYR D 24 -21.12 -23.43 15.67
C TYR D 24 -21.90 -24.04 14.50
N ASP D 25 -23.11 -23.54 14.28
CA ASP D 25 -24.01 -24.06 13.23
C ASP D 25 -23.63 -23.41 11.91
N ARG D 26 -23.09 -24.22 10.99
CA ARG D 26 -22.61 -23.74 9.70
C ARG D 26 -23.64 -23.89 8.58
N ARG D 27 -24.83 -24.43 8.86
CA ARG D 27 -25.79 -24.68 7.80
C ARG D 27 -26.23 -23.38 7.15
N ALA D 28 -26.44 -23.42 5.85
CA ALA D 28 -26.76 -22.26 5.06
C ALA D 28 -27.77 -22.66 4.00
N ASP D 29 -28.40 -21.67 3.39
CA ASP D 29 -29.39 -21.98 2.38
C ASP D 29 -28.77 -22.65 1.16
N LYS D 30 -29.57 -23.46 0.47
CA LYS D 30 -29.21 -24.07 -0.81
C LYS D 30 -30.24 -23.66 -1.85
N PRO D 31 -30.25 -22.38 -2.24
CA PRO D 31 -31.35 -21.89 -3.10
C PRO D 31 -31.41 -22.58 -4.44
N TRP D 32 -30.27 -23.08 -4.94
CA TRP D 32 -30.27 -23.70 -6.27
C TRP D 32 -31.13 -24.94 -6.30
N THR D 33 -31.32 -25.60 -5.16
CA THR D 33 -32.09 -26.84 -5.12
C THR D 33 -33.58 -26.60 -5.27
N ARG D 34 -34.04 -25.35 -5.21
CA ARG D 34 -35.46 -25.03 -5.33
C ARG D 34 -35.79 -24.40 -6.68
N LEU D 35 -34.84 -24.36 -7.62
CA LEU D 35 -35.06 -23.70 -8.90
C LEU D 35 -35.92 -24.58 -9.80
N THR D 36 -37.03 -24.01 -10.28
CA THR D 36 -37.84 -24.66 -11.29
C THR D 36 -37.26 -24.37 -12.67
N ALA D 37 -37.76 -25.11 -13.68
CA ALA D 37 -37.39 -24.84 -15.06
C ALA D 37 -37.66 -23.39 -15.43
N ALA D 38 -38.81 -22.85 -15.00
CA ALA D 38 -39.12 -21.46 -15.30
C ALA D 38 -38.17 -20.52 -14.58
N ASP D 39 -37.80 -20.84 -13.35
CA ASP D 39 -36.82 -20.02 -12.66
C ASP D 39 -35.49 -20.01 -13.41
N LYS D 40 -35.06 -21.18 -13.88
CA LYS D 40 -33.78 -21.25 -14.58
C LYS D 40 -33.83 -20.43 -15.87
N ALA D 41 -34.93 -20.55 -16.62
CA ALA D 41 -35.06 -19.76 -17.85
C ALA D 41 -35.00 -18.27 -17.55
N ALA D 42 -35.64 -17.83 -16.47
CA ALA D 42 -35.60 -16.43 -16.10
C ALA D 42 -34.17 -16.00 -15.72
N ILE D 43 -33.44 -16.86 -15.01
CA ILE D 43 -32.09 -16.52 -14.61
C ILE D 43 -31.15 -16.46 -15.80
N ARG D 44 -31.30 -17.39 -16.74
CA ARG D 44 -30.50 -17.32 -17.98
C ARG D 44 -30.73 -15.99 -18.68
N LYS D 45 -32.00 -15.57 -18.78
CA LYS D 45 -32.32 -14.31 -19.45
C LYS D 45 -31.71 -13.14 -18.70
N GLU D 46 -31.85 -13.14 -17.37
CA GLU D 46 -31.30 -12.07 -16.53
C GLU D 46 -29.79 -11.97 -16.71
N LEU D 47 -29.09 -13.13 -16.64
CA LEU D 47 -27.64 -13.13 -16.77
C LEU D 47 -27.21 -12.65 -18.14
N ASN D 48 -27.87 -13.13 -19.19
CA ASN D 48 -27.52 -12.69 -20.54
C ASN D 48 -27.67 -11.19 -20.70
N GLU D 49 -28.78 -10.63 -20.19
CA GLU D 49 -28.98 -9.20 -20.27
C GLU D 49 -27.95 -8.45 -19.47
N PHE D 50 -27.63 -8.94 -18.27
CA PHE D 50 -26.63 -8.28 -17.44
C PHE D 50 -25.28 -8.26 -18.15
N LYS D 51 -24.89 -9.40 -18.72
CA LYS D 51 -23.57 -9.47 -19.33
C LYS D 51 -23.51 -8.70 -20.63
N SER D 52 -24.61 -8.62 -21.37
CA SER D 52 -24.55 -7.90 -22.64
C SER D 52 -24.73 -6.40 -22.46
N THR D 53 -25.40 -5.95 -21.39
CA THR D 53 -25.77 -4.55 -21.28
C THR D 53 -25.10 -3.79 -20.13
N GLU D 54 -24.51 -4.51 -19.15
CA GLU D 54 -23.99 -3.85 -17.96
C GLU D 54 -22.57 -4.26 -17.60
N MET D 55 -22.23 -5.54 -17.69
CA MET D 55 -20.98 -6.04 -17.10
C MET D 55 -19.78 -5.63 -17.98
N GLU D 56 -18.88 -4.82 -17.42
CA GLU D 56 -17.69 -4.35 -18.13
CA GLU D 56 -17.71 -4.35 -18.16
C GLU D 56 -16.73 -5.51 -18.37
N VAL D 57 -16.26 -5.64 -19.60
CA VAL D 57 -15.29 -6.63 -20.00
C VAL D 57 -14.23 -5.94 -20.85
N HIS D 58 -12.96 -6.27 -20.61
CA HIS D 58 -11.90 -5.72 -21.43
C HIS D 58 -12.16 -6.04 -22.89
N GLU D 59 -11.85 -5.09 -23.78
CA GLU D 59 -12.00 -5.31 -25.21
C GLU D 59 -11.39 -6.63 -25.66
N LEU D 60 -10.23 -6.98 -25.10
CA LEU D 60 -9.52 -8.19 -25.53
C LEU D 60 -10.07 -9.46 -24.92
N SER D 61 -11.12 -9.38 -24.10
CA SER D 61 -11.66 -10.57 -23.45
C SER D 61 -13.13 -10.79 -23.77
N ARG D 62 -13.64 -10.12 -24.80
CA ARG D 62 -15.03 -10.27 -25.17
CA ARG D 62 -15.03 -10.27 -25.19
C ARG D 62 -15.39 -11.71 -25.52
N HIS D 63 -14.44 -12.49 -26.04
CA HIS D 63 -14.71 -13.87 -26.43
C HIS D 63 -14.87 -14.80 -25.24
N LEU D 64 -14.54 -14.34 -24.03
CA LEU D 64 -14.63 -15.16 -22.84
C LEU D 64 -15.93 -14.96 -22.10
N THR D 65 -16.77 -14.03 -22.53
CA THR D 65 -18.02 -13.77 -21.83
C THR D 65 -18.97 -14.94 -22.03
N ARG D 66 -19.53 -15.45 -20.94
CA ARG D 66 -20.26 -16.70 -20.96
C ARG D 66 -21.76 -16.44 -21.03
N PHE D 67 -22.34 -16.67 -22.20
CA PHE D 67 -23.78 -16.51 -22.37
C PHE D 67 -24.46 -17.87 -22.20
N HIS D 68 -25.73 -17.82 -21.85
CA HIS D 68 -26.53 -18.99 -21.59
C HIS D 68 -27.54 -19.19 -22.70
N ARG D 69 -27.94 -20.46 -22.91
CA ARG D 69 -28.96 -20.76 -23.90
C ARG D 69 -30.26 -20.05 -23.53
N PRO D 70 -31.02 -19.56 -24.50
CA PRO D 70 -32.32 -18.98 -24.12
C PRO D 70 -33.18 -20.01 -23.37
MN MN E . 8.67 24.67 3.89
MN MN F . 6.73 23.33 6.37
P PO4 G . 7.09 26.29 5.69
O1 PO4 G . 7.20 26.09 7.22
O2 PO4 G . 6.01 27.30 5.41
O3 PO4 G . 8.43 26.61 5.08
O4 PO4 G . 6.74 24.89 5.04
C1 EDO H . 26.30 17.93 -5.08
O1 EDO H . 27.32 17.64 -4.11
C2 EDO H . 26.95 17.77 -6.43
O2 EDO H . 26.09 17.83 -7.55
H11 EDO H . 25.47 17.23 -4.98
H12 EDO H . 25.92 18.94 -4.94
HO1 EDO H . 27.13 18.10 -3.29
H21 EDO H . 27.70 18.57 -6.55
H22 EDO H . 27.47 16.81 -6.46
HO2 EDO H . 26.61 17.72 -8.36
MN MN I . -14.59 -24.55 -6.70
MN MN J . -15.58 -24.78 -3.43
P PO4 K . -16.86 -26.11 -5.86
O1 PO4 K . -15.52 -25.94 -5.15
O2 PO4 K . -17.96 -25.49 -4.99
O3 PO4 K . -16.71 -25.33 -7.17
O4 PO4 K . -17.18 -27.58 -6.05
C1 EDO L . -7.26 -9.65 15.72
O1 EDO L . -7.85 -9.91 17.00
C2 EDO L . -5.99 -8.82 15.87
O2 EDO L . -5.52 -8.42 14.57
H11 EDO L . -7.02 -10.59 15.23
H12 EDO L . -7.97 -9.12 15.09
HO1 EDO L . -8.59 -10.51 16.89
H21 EDO L . -6.20 -7.92 16.47
H22 EDO L . -5.23 -9.40 16.37
HO2 EDO L . -4.74 -7.85 14.67
O1 16P M . 10.27 -8.32 0.55
C3 16P M . 10.63 -8.60 1.91
C4 16P M . 9.94 -9.88 2.37
O2 16P M . 8.57 -9.67 2.73
C5 16P M . 7.78 -9.01 1.75
C6 16P M . 7.66 -9.81 0.46
O3 16P M . 6.79 -9.11 -0.45
C7 16P M . 7.11 -9.43 -1.80
C8 16P M . 6.03 -9.00 -2.78
O4 16P M . 6.38 -9.56 -4.03
C9 16P M . 5.26 -10.11 -4.69
C10 16P M . 4.83 -11.38 -3.97
O5 16P M . 5.83 -12.18 -3.31
C11 16P M . 5.59 -12.42 -1.93
C12 16P M . 4.44 -13.39 -1.69
O6 16P M . 4.55 -13.99 -0.40
H31 16P M . 11.71 -8.70 2.00
H32 16P M . 10.32 -7.77 2.55
H41 16P M . 10.49 -10.28 3.23
H42 16P M . 10.00 -10.62 1.57
H51 16P M . 8.22 -8.04 1.52
H52 16P M . 6.78 -8.84 2.15
H61 16P M . 8.64 -9.93 0.00
H62 16P M . 7.26 -10.80 0.67
H71 16P M . 7.27 -10.51 -1.88
H72 16P M . 8.05 -8.94 -2.07
H81 16P M . 5.06 -9.39 -2.45
H82 16P M . 5.96 -7.92 -2.83
H91 16P M . 5.51 -10.34 -5.73
H92 16P M . 4.45 -9.39 -4.70
H101 16P M . 4.10 -11.10 -3.22
H102 16P M . 4.32 -12.02 -4.70
H111 16P M . 5.36 -11.47 -1.44
H112 16P M . 6.49 -12.83 -1.48
H121 16P M . 3.49 -12.87 -1.77
H122 16P M . 4.47 -14.18 -2.46
C1 EDO N . -21.73 -2.11 15.06
O1 EDO N . -21.58 -2.95 16.20
C2 EDO N . -20.41 -1.43 14.74
O2 EDO N . -20.65 -0.01 14.67
H11 EDO N . -22.50 -1.36 15.25
H12 EDO N . -22.05 -2.71 14.21
HO1 EDO N . -22.42 -3.39 16.38
H21 EDO N . -19.67 -1.65 15.51
H22 EDO N . -20.03 -1.79 13.78
HO2 EDO N . -19.83 0.45 14.46
#